data_5DUJ
#
_entry.id   5DUJ
#
_cell.length_a   61.051
_cell.length_b   93.929
_cell.length_c   75.215
_cell.angle_alpha   90.00
_cell.angle_beta   92.72
_cell.angle_gamma   90.00
#
_symmetry.space_group_name_H-M   'P 1 21 1'
#
loop_
_entity.id
_entity.type
_entity.pdbx_description
1 polymer 'L,D-transpeptidase 2'
2 non-polymer 'SULFATE ION'
3 non-polymer BETA-MERCAPTOETHANOL
4 non-polymer '(2R,5R)-2-[(2S,3R)-3-hydroxy-1-oxobutan-2-yl]-5-[(2R)-tetrahydrofuran-2-yl]-2,5-dihydro-1,3-thiazole-4-carboxylic acid'
5 water water
#
_entity_poly.entity_id   1
_entity_poly.type   'polypeptide(L)'
_entity_poly.pdbx_seq_one_letter_code
;GHMAPIKVIADKGTPFADLLVPKLTASVTDGAVGVTVDAPVSVTAADGVLAAVTMVNDNGRPVAGRLSPDGLRWSTTEQL
GYNRRYTLNATALGLGGAATRQLTFQTSSPAHLTMPYVMPGDGEVVGVGEPVAIRFDENIADRGAAEKAIKITTNPPVEG
AFYWLNNREVRWRPEHFWKPGTAVDVAVNTYGVDLGEGMFGEDNVQTHFTIGDEVIATADDNTKILTVRVNGEVVKSMPT
SMGKDSTPTANGIYIVGSRYKHIIMDSSTYGVPVNSPNGYRTDVDWATQISYSGVFVHSAPWSVGAQGHTNTSHGCLNVS
PSNAQWFYDHVKRGDIVEVVNTVGGTLPGIDGLGDWNIPWDQWRAGNAKA
;
_entity_poly.pdbx_strand_id   A,B
#
loop_
_chem_comp.id
_chem_comp.type
_chem_comp.name
_chem_comp.formula
BME non-polymer BETA-MERCAPTOETHANOL 'C2 H6 O S'
DGF non-polymer '(2R,5R)-2-[(2S,3R)-3-hydroxy-1-oxobutan-2-yl]-5-[(2R)-tetrahydrofuran-2-yl]-2,5-dihydro-1,3-thiazole-4-carboxylic acid' 'C12 H17 N O5 S'
SO4 non-polymer 'SULFATE ION' 'O4 S -2'
#
# COMPACT_ATOMS: atom_id res chain seq x y z
N LEU A 19 -22.26 21.13 -44.43
CA LEU A 19 -22.72 20.28 -43.28
C LEU A 19 -21.56 20.00 -42.31
N LEU A 20 -21.87 20.12 -41.02
CA LEU A 20 -20.87 20.14 -39.93
C LEU A 20 -20.36 18.74 -39.55
N VAL A 21 -19.07 18.66 -39.20
CA VAL A 21 -18.45 17.42 -38.73
C VAL A 21 -18.76 17.38 -37.22
N PRO A 22 -19.27 16.23 -36.67
CA PRO A 22 -19.45 16.13 -35.19
C PRO A 22 -18.15 16.42 -34.42
N LYS A 23 -18.29 17.01 -33.23
CA LYS A 23 -17.16 17.40 -32.36
C LYS A 23 -17.29 16.67 -31.01
N LEU A 24 -16.17 16.20 -30.49
CA LEU A 24 -16.13 15.48 -29.23
C LEU A 24 -15.35 16.36 -28.28
N THR A 25 -15.85 16.52 -27.05
CA THR A 25 -15.14 17.22 -25.97
C THR A 25 -15.17 16.34 -24.73
N ALA A 26 -14.01 15.84 -24.34
CA ALA A 26 -13.79 15.05 -23.14
C ALA A 26 -13.30 15.92 -21.98
N SER A 27 -13.56 15.51 -20.75
CA SER A 27 -13.10 16.26 -19.58
C SER A 27 -11.66 15.91 -19.25
N VAL A 28 -11.07 15.01 -20.01
CA VAL A 28 -9.64 14.72 -19.85
C VAL A 28 -9.00 14.92 -21.18
N THR A 29 -7.70 15.19 -21.17
CA THR A 29 -6.96 15.22 -22.42
C THR A 29 -6.05 13.99 -22.52
N ASP A 30 -5.95 13.50 -23.74
CA ASP A 30 -5.09 12.38 -24.11
C ASP A 30 -3.66 12.70 -23.67
N GLY A 31 -3.00 11.73 -23.09
CA GLY A 31 -1.70 11.95 -22.53
C GLY A 31 -1.62 12.47 -21.12
N ALA A 32 -2.73 12.93 -20.50
CA ALA A 32 -2.62 13.60 -19.18
C ALA A 32 -2.20 12.61 -18.11
N VAL A 33 -1.52 13.18 -17.12
CA VAL A 33 -1.06 12.51 -15.90
C VAL A 33 -1.64 13.26 -14.65
N GLY A 34 -1.73 12.59 -13.50
CA GLY A 34 -2.28 13.18 -12.26
C GLY A 34 -3.72 13.72 -12.35
N VAL A 35 -4.51 13.11 -13.21
CA VAL A 35 -5.94 13.38 -13.32
C VAL A 35 -6.61 12.94 -11.99
N THR A 36 -7.36 13.87 -11.39
CA THR A 36 -7.85 13.64 -10.07
C THR A 36 -9.17 12.95 -10.18
N VAL A 37 -9.43 12.22 -9.14
CA VAL A 37 -10.43 11.24 -9.15
C VAL A 37 -11.63 11.63 -8.26
N ASP A 38 -11.68 12.92 -7.94
CA ASP A 38 -12.81 13.55 -7.25
C ASP A 38 -13.99 13.91 -8.16
N ALA A 39 -13.84 13.75 -9.47
CA ALA A 39 -14.88 14.17 -10.41
C ALA A 39 -15.09 13.06 -11.41
N PRO A 40 -16.31 12.92 -11.92
CA PRO A 40 -16.52 11.97 -13.00
C PRO A 40 -15.79 12.36 -14.30
N VAL A 41 -15.56 11.41 -15.19
CA VAL A 41 -15.01 11.70 -16.53
C VAL A 41 -16.14 11.71 -17.53
N SER A 42 -16.18 12.74 -18.36
CA SER A 42 -17.31 12.94 -19.27
C SER A 42 -16.83 13.20 -20.69
N VAL A 43 -17.76 13.03 -21.64
CA VAL A 43 -17.54 13.24 -23.07
C VAL A 43 -18.83 13.78 -23.63
N THR A 44 -18.71 14.84 -24.43
CA THR A 44 -19.82 15.53 -24.99
C THR A 44 -19.74 15.58 -26.53
N ALA A 45 -20.87 15.38 -27.20
CA ALA A 45 -20.96 15.53 -28.66
C ALA A 45 -21.59 16.88 -29.00
N ALA A 46 -21.08 17.53 -30.04
CA ALA A 46 -21.72 18.72 -30.64
C ALA A 46 -21.83 18.45 -32.14
N ASP A 47 -22.88 18.96 -32.78
CA ASP A 47 -23.15 18.72 -34.20
C ASP A 47 -23.28 17.23 -34.49
N GLY A 48 -23.94 16.56 -33.55
CA GLY A 48 -24.10 15.14 -33.59
C GLY A 48 -24.35 14.57 -32.23
N VAL A 49 -24.24 13.25 -32.19
CA VAL A 49 -24.77 12.44 -31.13
C VAL A 49 -23.73 11.37 -30.87
N LEU A 50 -23.68 10.83 -29.67
CA LEU A 50 -22.69 9.80 -29.29
C LEU A 50 -23.14 8.40 -29.62
N ALA A 51 -22.44 7.77 -30.55
CA ALA A 51 -22.79 6.39 -30.99
C ALA A 51 -22.13 5.28 -30.17
N ALA A 52 -20.96 5.59 -29.60
CA ALA A 52 -20.20 4.62 -28.79
C ALA A 52 -19.26 5.38 -27.85
N VAL A 53 -19.32 5.01 -26.59
CA VAL A 53 -18.40 5.47 -25.60
C VAL A 53 -18.08 4.28 -24.70
N THR A 54 -16.78 4.03 -24.55
CA THR A 54 -16.31 3.02 -23.58
C THR A 54 -15.09 3.53 -22.88
N MET A 55 -14.96 3.21 -21.60
CA MET A 55 -13.75 3.51 -20.88
C MET A 55 -13.34 2.22 -20.18
N VAL A 56 -12.05 2.00 -20.10
CA VAL A 56 -11.51 0.69 -19.80
C VAL A 56 -10.26 1.00 -19.00
N ASN A 57 -10.01 0.24 -17.94
CA ASN A 57 -8.76 0.39 -17.21
C ASN A 57 -7.65 -0.38 -17.91
N ASP A 58 -6.45 -0.35 -17.34
CA ASP A 58 -5.24 -0.87 -17.96
C ASP A 58 -5.07 -2.39 -17.97
N ASN A 59 -6.16 -3.14 -17.83
CA ASN A 59 -6.21 -4.50 -18.34
C ASN A 59 -7.61 -4.86 -18.85
N GLY A 60 -8.28 -3.87 -19.40
CA GLY A 60 -9.46 -4.13 -20.18
C GLY A 60 -10.80 -4.16 -19.50
N ARG A 61 -10.87 -4.06 -18.17
CA ARG A 61 -12.20 -4.06 -17.48
C ARG A 61 -12.98 -2.75 -17.84
N PRO A 62 -14.21 -2.88 -18.33
CA PRO A 62 -15.02 -1.72 -18.65
C PRO A 62 -15.35 -0.88 -17.42
N VAL A 63 -15.44 0.44 -17.58
CA VAL A 63 -15.57 1.33 -16.41
C VAL A 63 -16.98 1.67 -16.05
N ALA A 64 -17.93 1.67 -16.93
CA ALA A 64 -19.31 1.89 -16.40
C ALA A 64 -19.67 3.33 -16.30
N GLY A 65 -20.75 3.64 -16.97
CA GLY A 65 -21.13 4.98 -17.26
C GLY A 65 -22.49 4.99 -17.87
N ARG A 66 -22.98 6.18 -18.19
N ARG A 66 -22.95 6.20 -18.19
CA ARG A 66 -24.33 6.32 -18.74
CA ARG A 66 -24.32 6.53 -18.57
C ARG A 66 -24.35 7.51 -19.68
C ARG A 66 -24.31 7.55 -19.69
N LEU A 67 -25.08 7.32 -20.75
CA LEU A 67 -25.23 8.25 -21.79
C LEU A 67 -26.58 8.86 -21.55
N SER A 68 -26.67 10.19 -21.64
CA SER A 68 -27.94 10.95 -21.53
C SER A 68 -28.94 10.50 -22.58
N PRO A 69 -30.26 10.67 -22.32
CA PRO A 69 -31.24 10.30 -23.28
C PRO A 69 -31.14 10.99 -24.64
N ASP A 70 -30.73 12.26 -24.64
CA ASP A 70 -30.54 12.97 -25.88
C ASP A 70 -29.28 12.56 -26.69
N GLY A 71 -28.47 11.65 -26.13
CA GLY A 71 -27.27 11.16 -26.82
C GLY A 71 -26.08 12.11 -26.81
N LEU A 72 -26.21 13.23 -26.09
CA LEU A 72 -25.19 14.27 -26.17
C LEU A 72 -24.08 14.11 -25.14
N ARG A 73 -24.37 13.48 -23.98
CA ARG A 73 -23.46 13.53 -22.81
C ARG A 73 -23.31 12.18 -22.15
N TRP A 74 -22.08 11.75 -21.99
CA TRP A 74 -21.77 10.48 -21.34
C TRP A 74 -20.90 10.77 -20.16
N SER A 75 -21.04 9.96 -19.12
CA SER A 75 -20.32 10.18 -17.90
C SER A 75 -20.06 8.88 -17.17
N THR A 76 -18.94 8.81 -16.47
CA THR A 76 -18.67 7.66 -15.65
C THR A 76 -19.62 7.79 -14.48
N THR A 77 -20.02 6.64 -13.93
CA THR A 77 -21.06 6.54 -12.86
C THR A 77 -20.52 5.93 -11.56
N GLU A 78 -19.26 5.52 -11.52
CA GLU A 78 -18.74 4.81 -10.39
C GLU A 78 -17.44 5.49 -10.05
N GLN A 79 -16.99 5.21 -8.85
CA GLN A 79 -15.72 5.70 -8.42
C GLN A 79 -14.56 5.26 -9.33
N LEU A 80 -13.72 6.22 -9.66
CA LEU A 80 -12.53 5.91 -10.38
C LEU A 80 -11.36 5.72 -9.40
N GLY A 81 -10.42 4.89 -9.81
CA GLY A 81 -9.32 4.47 -9.00
C GLY A 81 -8.09 5.35 -9.03
N TYR A 82 -7.45 5.45 -7.86
CA TYR A 82 -6.06 5.89 -7.82
C TYR A 82 -5.16 4.97 -8.64
N ASN A 83 -4.10 5.56 -9.15
CA ASN A 83 -3.04 4.84 -9.80
C ASN A 83 -3.51 3.94 -10.97
N ARG A 84 -4.39 4.48 -11.81
CA ARG A 84 -4.92 3.73 -12.96
C ARG A 84 -4.54 4.44 -14.25
N ARG A 85 -4.46 3.68 -15.33
CA ARG A 85 -4.29 4.18 -16.67
C ARG A 85 -5.59 3.74 -17.39
N TYR A 86 -6.42 4.71 -17.72
CA TYR A 86 -7.73 4.41 -18.33
C TYR A 86 -7.64 4.79 -19.79
N THR A 87 -8.31 4.05 -20.64
CA THR A 87 -8.48 4.56 -22.00
C THR A 87 -9.93 4.65 -22.43
N LEU A 88 -10.23 5.78 -23.06
CA LEU A 88 -11.55 6.27 -23.40
C LEU A 88 -11.63 6.25 -24.91
N ASN A 89 -12.58 5.52 -25.48
CA ASN A 89 -12.89 5.55 -26.90
C ASN A 89 -14.28 6.14 -27.05
N ALA A 90 -14.44 7.14 -27.90
CA ALA A 90 -15.75 7.71 -28.20
C ALA A 90 -15.92 7.96 -29.69
N THR A 91 -17.10 7.66 -30.24
CA THR A 91 -17.45 8.17 -31.54
C THR A 91 -18.76 8.92 -31.54
N ALA A 92 -18.74 10.04 -32.26
CA ALA A 92 -19.92 10.86 -32.50
C ALA A 92 -20.34 10.70 -33.96
N LEU A 93 -21.63 10.49 -34.21
CA LEU A 93 -22.24 10.54 -35.56
C LEU A 93 -23.19 11.76 -35.68
N GLY A 94 -23.10 12.45 -36.81
CA GLY A 94 -24.03 13.50 -37.16
C GLY A 94 -24.48 13.32 -38.59
N LEU A 95 -25.51 14.08 -38.94
CA LEU A 95 -25.91 14.28 -40.35
C LEU A 95 -24.72 14.49 -41.26
N GLY A 96 -23.79 15.37 -40.88
CA GLY A 96 -22.59 15.65 -41.67
C GLY A 96 -21.29 14.95 -41.29
N GLY A 97 -21.35 13.69 -40.87
CA GLY A 97 -20.14 12.85 -40.71
C GLY A 97 -19.98 12.11 -39.39
N ALA A 98 -18.80 11.56 -39.20
CA ALA A 98 -18.43 10.84 -37.97
C ALA A 98 -17.09 11.34 -37.44
N ALA A 99 -16.91 11.35 -36.12
CA ALA A 99 -15.57 11.54 -35.53
C ALA A 99 -15.34 10.55 -34.40
N THR A 100 -14.13 10.01 -34.37
CA THR A 100 -13.73 9.11 -33.28
C THR A 100 -12.40 9.51 -32.68
N ARG A 101 -12.32 9.37 -31.36
CA ARG A 101 -11.15 9.71 -30.58
C ARG A 101 -10.86 8.57 -29.62
N GLN A 102 -9.59 8.47 -29.28
CA GLN A 102 -9.09 7.56 -28.23
C GLN A 102 -8.18 8.39 -27.37
N LEU A 103 -8.42 8.37 -26.04
CA LEU A 103 -7.68 9.16 -25.09
C LEU A 103 -7.18 8.22 -24.01
N THR A 104 -5.94 8.39 -23.61
CA THR A 104 -5.37 7.59 -22.52
C THR A 104 -4.78 8.52 -21.51
N PHE A 105 -5.14 8.34 -20.24
CA PHE A 105 -4.64 9.23 -19.18
C PHE A 105 -4.42 8.44 -17.87
N GLN A 106 -3.65 9.02 -16.99
CA GLN A 106 -3.29 8.40 -15.73
C GLN A 106 -3.76 9.26 -14.57
N THR A 107 -4.43 8.61 -13.61
CA THR A 107 -4.98 9.26 -12.45
C THR A 107 -3.93 9.42 -11.33
N SER A 108 -4.25 10.23 -10.32
CA SER A 108 -3.26 10.52 -9.24
C SER A 108 -2.80 9.25 -8.58
N SER A 109 -1.51 9.11 -8.28
CA SER A 109 -1.06 7.97 -7.51
C SER A 109 -0.57 8.57 -6.16
N PRO A 110 -1.33 8.39 -5.10
CA PRO A 110 -0.90 8.95 -3.83
C PRO A 110 0.40 8.33 -3.26
N ALA A 111 1.17 9.12 -2.51
CA ALA A 111 2.17 8.60 -1.54
C ALA A 111 1.50 7.93 -0.29
N HIS A 112 0.41 8.52 0.17
CA HIS A 112 -0.34 8.04 1.34
C HIS A 112 -1.80 8.35 1.15
N LEU A 113 -2.61 7.68 1.94
CA LEU A 113 -4.02 7.89 2.02
C LEU A 113 -4.37 8.27 3.42
N THR A 114 -5.42 9.08 3.59
CA THR A 114 -5.94 9.37 4.94
C THR A 114 -7.43 9.23 4.91
N MET A 115 -7.96 8.58 5.91
CA MET A 115 -9.41 8.45 6.08
C MET A 115 -9.94 9.50 7.05
N PRO A 116 -11.02 10.25 6.71
CA PRO A 116 -11.66 11.12 7.71
C PRO A 116 -12.70 10.34 8.54
N TYR A 117 -12.93 10.78 9.76
CA TYR A 117 -13.99 10.25 10.65
C TYR A 117 -14.77 11.43 11.13
N VAL A 118 -16.07 11.41 10.92
CA VAL A 118 -16.94 12.53 11.35
C VAL A 118 -17.77 12.25 12.56
N MET A 119 -17.83 13.24 13.46
CA MET A 119 -18.75 13.25 14.58
C MET A 119 -19.56 14.54 14.48
N PRO A 120 -20.75 14.59 15.04
CA PRO A 120 -21.42 13.48 15.72
C PRO A 120 -22.02 12.46 14.75
N GLY A 121 -22.61 11.40 15.28
CA GLY A 121 -23.22 10.36 14.47
C GLY A 121 -24.37 10.76 13.53
N ASP A 122 -24.51 9.96 12.49
CA ASP A 122 -25.51 10.18 11.48
C ASP A 122 -26.91 9.94 12.05
N GLY A 123 -27.84 10.87 11.85
CA GLY A 123 -29.19 10.73 12.41
C GLY A 123 -29.26 11.06 13.88
N GLU A 124 -28.15 11.47 14.51
CA GLU A 124 -28.19 11.84 15.92
C GLU A 124 -28.85 13.18 16.16
N VAL A 125 -29.44 13.29 17.36
CA VAL A 125 -29.89 14.54 17.92
C VAL A 125 -28.91 14.93 19.03
N VAL A 126 -28.33 16.15 18.93
CA VAL A 126 -27.25 16.56 19.82
C VAL A 126 -27.57 17.88 20.44
N GLY A 127 -26.83 18.25 21.48
CA GLY A 127 -27.03 19.53 22.14
C GLY A 127 -26.44 20.77 21.44
N VAL A 128 -26.70 21.94 22.00
CA VAL A 128 -26.50 23.19 21.30
C VAL A 128 -25.02 23.58 21.26
N GLY A 129 -24.15 22.81 21.95
CA GLY A 129 -22.69 23.01 21.92
C GLY A 129 -21.90 22.11 21.00
N GLU A 130 -22.59 21.24 20.27
CA GLU A 130 -21.92 20.23 19.48
C GLU A 130 -21.26 20.79 18.23
N PRO A 131 -19.93 20.73 18.16
CA PRO A 131 -19.30 21.16 16.92
C PRO A 131 -19.33 20.06 15.90
N VAL A 132 -19.21 20.42 14.62
CA VAL A 132 -18.89 19.45 13.58
C VAL A 132 -17.40 19.08 13.73
N ALA A 133 -17.12 17.78 13.83
CA ALA A 133 -15.73 17.28 13.94
C ALA A 133 -15.35 16.41 12.77
N ILE A 134 -14.25 16.72 12.12
CA ILE A 134 -13.68 15.87 11.07
C ILE A 134 -12.29 15.48 11.55
N ARG A 135 -12.09 14.20 11.90
CA ARG A 135 -10.79 13.75 12.38
C ARG A 135 -10.17 12.86 11.30
N PHE A 136 -8.99 13.25 10.79
CA PHE A 136 -8.20 12.47 9.84
C PHE A 136 -7.29 11.57 10.63
N ASP A 137 -7.06 10.36 10.14
CA ASP A 137 -6.11 9.44 10.79
C ASP A 137 -4.66 9.69 10.42
N GLU A 138 -4.32 10.78 9.71
CA GLU A 138 -2.92 11.20 9.50
C GLU A 138 -2.85 12.71 9.64
N ASN A 139 -1.65 13.27 9.82
CA ASN A 139 -1.44 14.71 9.82
C ASN A 139 -1.66 15.31 8.47
N ILE A 140 -2.42 16.41 8.46
CA ILE A 140 -2.82 17.05 7.20
C ILE A 140 -1.89 18.20 6.85
N ALA A 141 -1.15 18.08 5.75
CA ALA A 141 -0.18 19.11 5.40
C ALA A 141 -0.84 20.32 4.74
N ASP A 142 -1.97 20.12 4.06
CA ASP A 142 -2.69 21.20 3.39
C ASP A 142 -4.08 21.32 4.00
N ARG A 143 -4.12 22.00 5.15
CA ARG A 143 -5.34 22.26 5.91
C ARG A 143 -6.38 22.93 5.05
N GLY A 144 -5.95 23.89 4.25
CA GLY A 144 -6.87 24.61 3.41
C GLY A 144 -7.60 23.74 2.40
N ALA A 145 -6.89 22.76 1.84
CA ALA A 145 -7.52 21.83 0.89
C ALA A 145 -8.55 20.94 1.62
N ALA A 146 -8.24 20.57 2.83
CA ALA A 146 -9.20 19.85 3.63
C ALA A 146 -10.52 20.64 3.93
N GLU A 147 -10.36 21.88 4.42
CA GLU A 147 -11.47 22.78 4.63
C GLU A 147 -12.31 22.93 3.40
N LYS A 148 -11.65 23.15 2.27
CA LYS A 148 -12.33 23.36 1.06
C LYS A 148 -13.15 22.13 0.59
N ALA A 149 -12.72 20.92 0.96
CA ALA A 149 -13.41 19.69 0.59
C ALA A 149 -14.61 19.36 1.48
N ILE A 150 -14.79 20.10 2.56
CA ILE A 150 -15.83 19.81 3.52
C ILE A 150 -16.94 20.83 3.32
N LYS A 151 -18.10 20.34 2.89
CA LYS A 151 -19.24 21.20 2.67
C LYS A 151 -20.25 21.04 3.82
N ILE A 152 -20.45 22.15 4.54
CA ILE A 152 -21.40 22.18 5.63
C ILE A 152 -22.65 22.97 5.24
N THR A 153 -23.79 22.34 5.37
CA THR A 153 -25.09 22.97 5.15
C THR A 153 -25.81 23.08 6.50
N THR A 154 -26.36 24.26 6.78
CA THR A 154 -27.15 24.51 7.98
C THR A 154 -28.58 25.03 7.60
N ASN A 155 -29.59 24.64 8.35
CA ASN A 155 -30.94 25.09 8.17
C ASN A 155 -31.65 25.22 9.55
N PRO A 156 -31.95 26.42 10.02
CA PRO A 156 -31.70 27.71 9.39
C PRO A 156 -30.21 27.97 9.16
N PRO A 157 -29.85 28.59 8.02
CA PRO A 157 -28.41 28.83 7.80
C PRO A 157 -27.78 29.74 8.81
N VAL A 158 -26.55 29.45 9.19
CA VAL A 158 -25.86 30.26 10.16
C VAL A 158 -24.41 30.28 9.76
N GLU A 159 -23.76 31.37 10.11
CA GLU A 159 -22.34 31.54 9.87
C GLU A 159 -21.53 30.60 10.77
N GLY A 160 -20.54 29.94 10.22
CA GLY A 160 -19.60 29.20 11.04
C GLY A 160 -18.24 29.25 10.42
N ALA A 161 -17.28 28.55 11.03
CA ALA A 161 -15.91 28.54 10.52
C ALA A 161 -15.17 27.34 11.03
N PHE A 162 -14.10 26.99 10.31
CA PHE A 162 -13.23 25.89 10.69
C PHE A 162 -12.11 26.33 11.61
N TYR A 163 -11.76 25.47 12.54
CA TYR A 163 -10.58 25.67 13.38
C TYR A 163 -9.99 24.32 13.73
N TRP A 164 -8.67 24.24 13.71
CA TRP A 164 -7.94 22.97 13.85
C TRP A 164 -7.52 22.85 15.28
N LEU A 165 -7.87 21.74 15.92
CA LEU A 165 -7.50 21.44 17.30
C LEU A 165 -6.06 20.88 17.42
N ASN A 166 -5.59 20.31 16.34
CA ASN A 166 -4.29 19.61 16.31
C ASN A 166 -4.07 19.34 14.83
N ASN A 167 -3.01 18.63 14.50
CA ASN A 167 -2.73 18.35 13.08
C ASN A 167 -3.69 17.45 12.33
N ARG A 168 -4.54 16.74 13.05
CA ARG A 168 -5.46 15.78 12.43
C ARG A 168 -6.92 16.10 12.50
N GLU A 169 -7.34 16.94 13.45
CA GLU A 169 -8.75 17.11 13.68
C GLU A 169 -9.16 18.57 13.51
N VAL A 170 -10.11 18.82 12.58
CA VAL A 170 -10.69 20.15 12.38
C VAL A 170 -12.14 20.18 12.84
N ARG A 171 -12.55 21.33 13.35
CA ARG A 171 -13.86 21.56 13.90
C ARG A 171 -14.51 22.69 13.20
N TRP A 172 -15.83 22.61 13.05
CA TRP A 172 -16.62 23.75 12.54
C TRP A 172 -17.74 24.05 13.46
N ARG A 173 -17.91 25.35 13.73
CA ARG A 173 -19.05 25.74 14.57
C ARG A 173 -19.49 27.17 14.33
N PRO A 174 -20.68 27.52 14.79
CA PRO A 174 -21.08 28.93 14.80
C PRO A 174 -20.41 29.75 15.92
N GLU A 175 -20.72 31.04 15.86
CA GLU A 175 -20.33 32.00 16.86
C GLU A 175 -20.90 31.66 18.19
N HIS A 176 -22.19 31.47 18.19
CA HIS A 176 -22.93 31.16 19.40
C HIS A 176 -23.45 29.74 19.34
N PHE A 177 -23.94 29.29 20.48
CA PHE A 177 -24.56 27.97 20.59
C PHE A 177 -25.63 27.85 19.49
N TRP A 178 -25.79 26.64 18.97
CA TRP A 178 -26.80 26.40 17.93
C TRP A 178 -28.18 26.73 18.45
N LYS A 179 -29.04 27.08 17.52
CA LYS A 179 -30.46 27.23 17.81
C LYS A 179 -31.08 25.86 17.71
N PRO A 180 -31.87 25.48 18.76
CA PRO A 180 -32.68 24.27 18.70
C PRO A 180 -33.44 24.12 17.39
N GLY A 181 -33.41 22.92 16.82
CA GLY A 181 -34.19 22.62 15.62
C GLY A 181 -33.40 22.78 14.34
N THR A 182 -32.16 23.26 14.42
CA THR A 182 -31.26 23.40 13.25
C THR A 182 -30.84 22.03 12.70
N ALA A 183 -30.96 21.87 11.40
CA ALA A 183 -30.44 20.68 10.68
C ALA A 183 -29.02 21.01 10.25
N VAL A 184 -28.11 20.09 10.46
CA VAL A 184 -26.75 20.22 10.05
C VAL A 184 -26.33 19.02 9.18
N ASP A 185 -25.80 19.35 8.01
CA ASP A 185 -25.34 18.37 7.04
C ASP A 185 -23.86 18.53 6.73
N VAL A 186 -23.10 17.44 6.70
CA VAL A 186 -21.65 17.52 6.58
C VAL A 186 -21.20 16.56 5.52
N ALA A 187 -20.71 17.07 4.37
CA ALA A 187 -20.23 16.27 3.27
C ALA A 187 -18.73 16.41 3.17
N VAL A 188 -18.01 15.38 3.58
CA VAL A 188 -16.56 15.36 3.49
C VAL A 188 -16.14 14.72 2.16
N ASN A 189 -15.83 15.57 1.19
CA ASN A 189 -15.63 15.09 -0.17
C ASN A 189 -14.15 15.06 -0.46
N THR A 190 -13.46 14.21 0.27
CA THR A 190 -12.02 14.14 0.27
C THR A 190 -11.47 13.08 -0.68
N TYR A 191 -12.36 12.26 -1.23
CA TYR A 191 -11.90 11.25 -2.19
C TYR A 191 -11.37 11.97 -3.42
N GLY A 192 -10.15 11.61 -3.83
CA GLY A 192 -9.46 12.24 -4.94
C GLY A 192 -8.81 13.56 -4.71
N VAL A 193 -8.89 14.08 -3.50
CA VAL A 193 -8.32 15.38 -3.18
C VAL A 193 -6.93 15.23 -2.58
N ASP A 194 -6.02 16.08 -3.08
CA ASP A 194 -4.66 16.14 -2.64
C ASP A 194 -4.68 17.04 -1.41
N LEU A 195 -4.49 16.42 -0.25
CA LEU A 195 -4.47 17.07 1.01
C LEU A 195 -3.01 17.39 1.42
N GLY A 196 -2.07 17.36 0.48
CA GLY A 196 -0.75 17.91 0.69
C GLY A 196 0.28 16.81 0.82
N GLU A 197 1.48 17.06 0.27
CA GLU A 197 2.64 16.11 0.28
C GLU A 197 2.26 14.71 -0.14
N GLY A 198 1.49 14.61 -1.22
CA GLY A 198 1.05 13.34 -1.77
C GLY A 198 0.06 12.53 -0.96
N MET A 199 -0.56 13.17 0.05
CA MET A 199 -1.58 12.56 0.86
C MET A 199 -2.95 12.89 0.30
N PHE A 200 -3.70 11.84 -0.04
CA PHE A 200 -4.98 11.95 -0.68
C PHE A 200 -6.03 11.27 0.14
N GLY A 201 -7.27 11.73 0.01
CA GLY A 201 -8.37 11.13 0.72
C GLY A 201 -8.66 9.70 0.32
N GLU A 202 -8.88 8.87 1.33
CA GLU A 202 -9.15 7.43 1.13
C GLU A 202 -10.58 7.23 0.65
N ASP A 203 -11.46 8.10 1.12
CA ASP A 203 -12.87 8.02 0.79
C ASP A 203 -13.55 9.31 1.18
N ASN A 204 -14.78 9.43 0.72
CA ASN A 204 -15.72 10.43 1.21
C ASN A 204 -16.49 9.93 2.42
N VAL A 205 -16.93 10.86 3.25
CA VAL A 205 -17.86 10.54 4.32
C VAL A 205 -18.91 11.61 4.44
N GLN A 206 -20.00 11.23 5.11
CA GLN A 206 -21.22 12.03 5.22
C GLN A 206 -21.82 11.82 6.60
N THR A 207 -22.41 12.86 7.14
CA THR A 207 -23.26 12.70 8.31
C THR A 207 -24.25 13.84 8.28
N HIS A 208 -25.34 13.64 8.99
CA HIS A 208 -26.36 14.64 9.13
C HIS A 208 -26.87 14.54 10.55
N PHE A 209 -26.96 15.67 11.25
CA PHE A 209 -27.52 15.65 12.59
C PHE A 209 -28.47 16.78 12.77
N THR A 210 -29.09 16.79 13.94
CA THR A 210 -30.03 17.81 14.30
C THR A 210 -29.75 18.25 15.72
N ILE A 211 -29.99 19.55 15.97
CA ILE A 211 -29.83 20.12 17.27
C ILE A 211 -31.13 19.98 18.01
N GLY A 212 -31.05 19.58 19.27
CA GLY A 212 -32.20 19.36 20.14
C GLY A 212 -32.36 20.46 21.14
N ASP A 213 -32.89 20.11 22.33
CA ASP A 213 -33.17 21.14 23.33
C ASP A 213 -31.88 21.82 23.78
N GLU A 214 -32.03 23.00 24.29
CA GLU A 214 -30.95 23.70 24.94
C GLU A 214 -30.83 23.23 26.41
N VAL A 215 -29.66 22.68 26.75
CA VAL A 215 -29.37 22.11 28.06
C VAL A 215 -28.00 22.54 28.50
N ILE A 216 -27.96 23.35 29.56
CA ILE A 216 -26.76 24.02 30.04
C ILE A 216 -26.75 23.77 31.53
N ALA A 217 -25.70 23.09 32.03
CA ALA A 217 -25.55 22.83 33.45
C ALA A 217 -24.44 23.72 33.92
N THR A 218 -24.68 24.46 34.96
CA THR A 218 -23.66 25.34 35.49
C THR A 218 -23.16 24.88 36.87
N ALA A 219 -21.86 24.64 37.01
CA ALA A 219 -21.25 24.33 38.32
C ALA A 219 -20.61 25.59 38.88
N ASP A 220 -21.13 26.09 39.99
CA ASP A 220 -20.61 27.34 40.62
C ASP A 220 -19.82 26.94 41.85
N ASP A 221 -18.51 27.22 41.86
CA ASP A 221 -17.67 26.83 43.01
C ASP A 221 -17.99 27.62 44.29
N ASN A 222 -18.62 28.79 44.18
CA ASN A 222 -19.13 29.51 45.35
C ASN A 222 -20.28 28.82 46.05
N THR A 223 -21.12 28.08 45.33
CA THR A 223 -22.18 27.30 45.95
C THR A 223 -21.97 25.78 46.01
N LYS A 224 -21.00 25.25 45.27
CA LYS A 224 -20.86 23.80 45.07
C LYS A 224 -22.13 23.07 44.61
N ILE A 225 -22.87 23.73 43.74
CA ILE A 225 -24.06 23.15 43.10
C ILE A 225 -23.89 23.20 41.57
N LEU A 226 -24.31 22.11 40.93
CA LEU A 226 -24.41 21.96 39.50
C LEU A 226 -25.90 22.04 39.17
N THR A 227 -26.30 23.10 38.49
CA THR A 227 -27.68 23.38 38.20
C THR A 227 -27.91 23.13 36.73
N VAL A 228 -28.90 22.30 36.44
CA VAL A 228 -29.21 21.93 35.10
C VAL A 228 -30.43 22.70 34.63
N ARG A 229 -30.24 23.48 33.56
CA ARG A 229 -31.30 24.27 32.90
C ARG A 229 -31.66 23.71 31.53
N VAL A 230 -32.93 23.41 31.31
CA VAL A 230 -33.46 22.95 30.03
C VAL A 230 -34.31 24.13 29.53
N ASN A 231 -33.90 24.74 28.41
CA ASN A 231 -34.55 25.88 27.77
C ASN A 231 -34.81 26.97 28.74
N GLY A 232 -33.74 27.34 29.44
CA GLY A 232 -33.78 28.42 30.41
C GLY A 232 -34.37 28.10 31.80
N GLU A 233 -35.00 26.94 32.01
CA GLU A 233 -35.61 26.57 33.32
C GLU A 233 -34.75 25.57 34.11
N VAL A 234 -34.58 25.85 35.40
CA VAL A 234 -33.95 24.92 36.36
C VAL A 234 -34.80 23.66 36.47
N VAL A 235 -34.24 22.49 36.14
CA VAL A 235 -34.91 21.23 36.36
C VAL A 235 -34.19 20.31 37.33
N LYS A 236 -32.96 20.63 37.70
CA LYS A 236 -32.21 19.86 38.68
C LYS A 236 -31.16 20.69 39.31
N SER A 237 -31.03 20.56 40.63
CA SER A 237 -29.95 21.16 41.41
C SER A 237 -29.13 20.09 42.18
N MET A 238 -27.85 19.92 41.80
CA MET A 238 -27.01 18.78 42.24
C MET A 238 -25.88 19.30 43.10
N PRO A 239 -25.93 19.04 44.42
CA PRO A 239 -24.73 19.34 45.17
C PRO A 239 -23.53 18.57 44.56
N THR A 240 -22.37 19.20 44.52
CA THR A 240 -21.25 18.55 43.89
C THR A 240 -19.93 18.79 44.63
N SER A 241 -18.95 17.89 44.44
CA SER A 241 -17.59 18.09 44.97
C SER A 241 -16.68 18.12 43.76
N MET A 242 -16.07 19.29 43.49
CA MET A 242 -15.19 19.43 42.36
C MET A 242 -13.75 19.17 42.81
N GLY A 243 -12.78 19.52 41.98
CA GLY A 243 -11.41 19.23 42.26
C GLY A 243 -10.86 20.06 43.39
N LYS A 244 -10.07 19.40 44.25
CA LYS A 244 -9.41 20.06 45.38
C LYS A 244 -8.42 21.09 44.89
N ASP A 245 -8.07 22.02 45.74
CA ASP A 245 -7.19 23.15 45.37
C ASP A 245 -5.92 22.73 44.62
N SER A 246 -5.34 21.57 44.96
CA SER A 246 -4.12 21.11 44.30
C SER A 246 -4.39 20.48 42.92
N THR A 247 -5.62 20.03 42.66
CA THR A 247 -6.00 19.45 41.38
C THR A 247 -7.37 19.98 41.00
N PRO A 248 -7.49 21.32 40.82
CA PRO A 248 -8.80 21.96 40.66
C PRO A 248 -9.48 21.67 39.30
N THR A 249 -10.78 21.88 39.27
CA THR A 249 -11.54 21.80 38.04
C THR A 249 -11.35 23.13 37.37
N ALA A 250 -10.92 23.09 36.10
CA ALA A 250 -10.82 24.29 35.32
C ALA A 250 -12.22 24.97 35.09
N ASN A 251 -12.26 26.31 35.15
CA ASN A 251 -13.42 27.07 34.76
C ASN A 251 -13.60 27.01 33.25
N GLY A 252 -14.77 27.40 32.77
CA GLY A 252 -15.03 27.49 31.33
C GLY A 252 -16.15 26.61 30.83
N ILE A 253 -16.24 26.53 29.52
CA ILE A 253 -17.37 25.88 28.85
C ILE A 253 -16.85 24.53 28.40
N TYR A 254 -17.54 23.50 28.81
CA TYR A 254 -17.22 22.11 28.47
C TYR A 254 -18.37 21.59 27.59
N ILE A 255 -18.06 20.88 26.52
CA ILE A 255 -19.07 20.19 25.73
C ILE A 255 -19.24 18.75 26.23
N VAL A 256 -20.45 18.30 26.41
CA VAL A 256 -20.69 16.93 26.82
C VAL A 256 -20.31 15.94 25.70
N GLY A 257 -19.59 14.91 26.05
CA GLY A 257 -19.30 13.88 25.05
C GLY A 257 -20.05 12.61 25.40
N SER A 258 -19.28 11.53 25.64
CA SER A 258 -19.79 10.18 25.84
C SER A 258 -20.22 9.94 27.26
N ARG A 259 -21.02 8.88 27.41
CA ARG A 259 -21.58 8.55 28.70
C ARG A 259 -21.49 7.08 28.94
N TYR A 260 -21.35 6.74 30.22
CA TYR A 260 -21.04 5.38 30.60
C TYR A 260 -21.84 4.97 31.82
N LYS A 261 -22.56 3.87 31.71
CA LYS A 261 -23.15 3.22 32.86
C LYS A 261 -22.11 2.94 33.95
N HIS A 262 -20.92 2.58 33.54
CA HIS A 262 -19.80 2.50 34.44
C HIS A 262 -18.56 2.55 33.58
N ILE A 263 -17.45 3.00 34.13
CA ILE A 263 -16.21 3.05 33.39
C ILE A 263 -15.11 3.00 34.38
N ILE A 264 -14.01 2.32 34.03
CA ILE A 264 -12.75 2.44 34.78
C ILE A 264 -12.00 3.69 34.34
N MET A 265 -11.88 4.61 35.29
CA MET A 265 -11.19 5.83 35.08
C MET A 265 -9.73 5.62 35.47
N ASP A 266 -8.86 5.74 34.47
CA ASP A 266 -7.46 5.39 34.57
C ASP A 266 -6.66 6.62 34.24
N SER A 267 -5.96 7.16 35.23
CA SER A 267 -5.24 8.43 35.04
C SER A 267 -4.20 8.36 33.94
N SER A 268 -3.65 7.14 33.69
CA SER A 268 -2.61 6.98 32.67
C SER A 268 -3.15 7.22 31.28
N THR A 269 -4.46 7.03 31.08
CA THR A 269 -5.15 7.48 29.90
C THR A 269 -4.93 8.98 29.64
N TYR A 270 -4.67 9.79 30.68
CA TYR A 270 -4.61 11.27 30.58
C TYR A 270 -3.25 11.86 30.90
N GLY A 271 -2.19 11.09 30.66
CA GLY A 271 -0.81 11.54 30.92
C GLY A 271 -0.24 11.17 32.27
N VAL A 272 -1.08 10.79 33.24
CA VAL A 272 -0.69 10.77 34.66
C VAL A 272 -0.54 9.31 35.21
N PRO A 273 0.70 8.89 35.55
CA PRO A 273 0.89 7.49 35.97
C PRO A 273 0.04 7.15 37.16
N VAL A 274 -0.55 5.97 37.16
CA VAL A 274 -1.51 5.61 38.20
C VAL A 274 -0.90 5.82 39.59
N ASN A 275 0.37 5.40 39.72
CA ASN A 275 1.06 5.43 41.01
C ASN A 275 1.90 6.68 41.26
N SER A 276 1.61 7.77 40.56
CA SER A 276 2.13 9.08 40.93
C SER A 276 1.18 9.73 41.97
N PRO A 277 1.55 10.93 42.49
CA PRO A 277 0.75 11.54 43.52
C PRO A 277 -0.68 11.91 43.08
N ASN A 278 -0.89 12.22 41.80
CA ASN A 278 -2.26 12.56 41.32
C ASN A 278 -2.91 11.50 40.43
N GLY A 279 -2.29 10.33 40.39
CA GLY A 279 -2.82 9.20 39.64
C GLY A 279 -3.89 8.47 40.40
N TYR A 280 -4.62 7.66 39.65
CA TYR A 280 -5.78 7.00 40.17
C TYR A 280 -6.17 5.98 39.14
N ARG A 281 -6.78 4.90 39.62
CA ARG A 281 -7.51 3.95 38.80
C ARG A 281 -8.68 3.42 39.60
N THR A 282 -9.87 3.82 39.18
CA THR A 282 -11.10 3.60 39.93
C THR A 282 -12.27 3.35 39.00
N ASP A 283 -13.14 2.45 39.42
CA ASP A 283 -14.33 2.12 38.68
C ASP A 283 -15.47 2.98 39.27
N VAL A 284 -16.21 3.69 38.41
CA VAL A 284 -17.27 4.60 38.82
C VAL A 284 -18.44 4.38 37.97
N ASP A 285 -19.60 4.72 38.53
CA ASP A 285 -20.84 4.59 37.81
C ASP A 285 -21.32 5.92 37.27
N TRP A 286 -22.22 5.80 36.32
CA TRP A 286 -22.98 6.89 35.77
C TRP A 286 -22.07 8.06 35.42
N ALA A 287 -21.21 7.82 34.43
CA ALA A 287 -20.13 8.80 34.09
C ALA A 287 -20.42 9.49 32.77
N THR A 288 -20.43 10.81 32.79
CA THR A 288 -20.56 11.63 31.57
C THR A 288 -19.29 12.36 31.35
N GLN A 289 -18.64 12.15 30.19
CA GLN A 289 -17.37 12.85 29.90
C GLN A 289 -17.60 14.31 29.47
N ILE A 290 -16.83 15.23 30.01
CA ILE A 290 -16.91 16.62 29.56
C ILE A 290 -15.59 17.25 29.17
N SER A 291 -14.47 16.58 29.39
CA SER A 291 -13.18 17.03 28.76
C SER A 291 -12.34 15.81 28.34
N TYR A 292 -11.54 15.98 27.30
CA TYR A 292 -10.51 14.98 26.96
C TYR A 292 -9.44 14.96 28.02
N SER A 293 -9.18 16.05 28.72
CA SER A 293 -8.23 15.99 29.85
C SER A 293 -8.77 15.10 31.00
N GLY A 294 -10.02 14.64 30.89
CA GLY A 294 -10.56 13.55 31.70
C GLY A 294 -11.48 13.95 32.83
N VAL A 295 -12.05 15.15 32.73
CA VAL A 295 -13.13 15.60 33.58
C VAL A 295 -14.46 14.89 33.23
N PHE A 296 -15.07 14.26 34.22
CA PHE A 296 -16.35 13.58 34.06
C PHE A 296 -17.27 14.08 35.16
N VAL A 297 -18.58 14.00 34.90
CA VAL A 297 -19.59 14.09 35.95
C VAL A 297 -19.88 12.65 36.28
N HIS A 298 -19.83 12.26 37.56
CA HIS A 298 -20.07 10.85 37.92
C HIS A 298 -20.49 10.63 39.37
N SER A 299 -20.96 9.40 39.61
CA SER A 299 -21.40 8.96 40.94
C SER A 299 -20.24 8.84 41.87
N ALA A 300 -20.40 9.40 43.07
CA ALA A 300 -19.34 9.42 44.10
C ALA A 300 -19.98 9.19 45.45
N PRO A 301 -20.39 7.96 45.76
CA PRO A 301 -20.94 7.69 47.10
C PRO A 301 -19.98 8.14 48.22
N TRP A 302 -18.70 7.84 48.05
CA TRP A 302 -17.66 8.22 49.04
C TRP A 302 -17.61 9.70 49.42
N SER A 303 -18.13 10.62 48.59
CA SER A 303 -18.03 12.05 48.91
C SER A 303 -19.36 12.77 49.06
N VAL A 304 -20.46 12.01 49.23
CA VAL A 304 -21.79 12.63 49.37
C VAL A 304 -21.79 13.62 50.50
N GLY A 305 -21.07 13.29 51.58
CA GLY A 305 -20.82 14.25 52.66
C GLY A 305 -20.23 15.61 52.26
N ALA A 306 -19.16 15.59 51.48
CA ALA A 306 -18.48 16.82 50.98
C ALA A 306 -19.22 17.62 49.87
N GLN A 307 -20.00 16.92 49.07
CA GLN A 307 -20.74 17.55 47.96
C GLN A 307 -21.73 18.62 48.46
N GLY A 308 -21.60 19.85 48.00
CA GLY A 308 -22.32 20.99 48.59
C GLY A 308 -21.48 21.87 49.52
N HIS A 309 -20.27 21.40 49.85
CA HIS A 309 -19.47 22.06 50.89
C HIS A 309 -18.01 22.20 50.53
N THR A 310 -17.36 21.07 50.27
CA THR A 310 -15.92 21.13 49.98
C THR A 310 -15.52 20.29 48.72
N ASN A 311 -14.46 20.75 48.06
CA ASN A 311 -13.91 20.06 46.91
C ASN A 311 -12.94 18.99 47.33
N THR A 312 -13.12 17.79 46.81
CA THR A 312 -12.28 16.67 47.17
C THR A 312 -11.69 15.92 46.00
N SER A 313 -12.12 16.17 44.76
CA SER A 313 -11.74 15.29 43.63
C SER A 313 -10.38 15.61 42.96
N HIS A 314 -10.04 14.79 41.99
CA HIS A 314 -8.99 15.08 41.08
C HIS A 314 -9.36 16.14 39.99
N GLY A 315 -10.61 16.59 40.00
CA GLY A 315 -11.08 17.61 39.03
C GLY A 315 -12.46 17.28 38.50
N CYS A 316 -12.85 16.01 38.66
CA CYS A 316 -14.18 15.53 38.35
C CYS A 316 -15.25 16.22 39.18
N LEU A 317 -16.45 16.27 38.60
CA LEU A 317 -17.68 16.74 39.23
C LEU A 317 -18.31 15.55 39.91
N ASN A 318 -17.91 15.32 41.17
CA ASN A 318 -18.53 14.30 41.98
C ASN A 318 -19.95 14.77 42.31
N VAL A 319 -20.94 13.91 42.09
CA VAL A 319 -22.31 14.11 42.58
C VAL A 319 -22.87 12.78 43.10
N SER A 320 -24.07 12.84 43.65
CA SER A 320 -24.72 11.66 44.22
C SER A 320 -24.99 10.60 43.16
N PRO A 321 -25.17 9.33 43.57
CA PRO A 321 -25.56 8.33 42.60
C PRO A 321 -26.83 8.63 41.84
N SER A 322 -27.88 9.09 42.50
CA SER A 322 -29.13 9.37 41.74
C SER A 322 -28.91 10.56 40.79
N ASN A 323 -28.21 11.58 41.24
CA ASN A 323 -27.84 12.70 40.37
C ASN A 323 -26.93 12.40 39.16
N ALA A 324 -26.00 11.45 39.29
CA ALA A 324 -25.17 11.05 38.15
C ALA A 324 -25.96 10.24 37.17
N GLN A 325 -26.82 9.37 37.68
CA GLN A 325 -27.68 8.65 36.81
C GLN A 325 -28.70 9.61 36.16
N TRP A 326 -29.23 10.56 36.92
CA TRP A 326 -30.13 11.54 36.29
C TRP A 326 -29.39 12.23 35.11
N PHE A 327 -28.16 12.63 35.35
CA PHE A 327 -27.34 13.33 34.35
C PHE A 327 -27.06 12.41 33.13
N TYR A 328 -26.80 11.12 33.36
CA TYR A 328 -26.71 10.14 32.28
C TYR A 328 -27.96 10.05 31.37
N ASP A 329 -29.11 9.97 32.02
CA ASP A 329 -30.39 9.85 31.31
C ASP A 329 -30.84 11.13 30.59
N HIS A 330 -30.66 12.29 31.23
CA HIS A 330 -31.27 13.55 30.75
C HIS A 330 -30.35 14.51 30.01
N VAL A 331 -29.04 14.34 30.13
CA VAL A 331 -28.05 15.13 29.39
C VAL A 331 -27.50 14.28 28.24
N LYS A 332 -27.39 14.90 27.06
CA LYS A 332 -26.88 14.23 25.85
C LYS A 332 -25.60 14.85 25.32
N ARG A 333 -24.94 14.13 24.43
CA ARG A 333 -23.77 14.61 23.66
C ARG A 333 -24.00 16.00 23.03
N GLY A 334 -23.07 16.92 23.23
CA GLY A 334 -23.31 18.29 22.75
C GLY A 334 -24.06 19.24 23.69
N ASP A 335 -24.61 18.74 24.81
CA ASP A 335 -25.08 19.67 25.86
C ASP A 335 -23.88 20.36 26.49
N ILE A 336 -24.14 21.35 27.30
CA ILE A 336 -23.06 22.14 27.87
C ILE A 336 -23.00 22.13 29.35
N VAL A 337 -21.80 22.10 29.89
CA VAL A 337 -21.50 22.34 31.28
C VAL A 337 -20.58 23.51 31.33
N GLU A 338 -20.95 24.47 32.17
CA GLU A 338 -20.11 25.63 32.43
C GLU A 338 -19.67 25.65 33.86
N VAL A 339 -18.36 25.75 34.08
CA VAL A 339 -17.81 25.75 35.41
C VAL A 339 -17.32 27.17 35.69
N VAL A 340 -17.63 27.71 36.88
CA VAL A 340 -17.33 29.11 37.20
C VAL A 340 -16.84 29.21 38.62
N ASN A 341 -15.98 30.19 38.87
CA ASN A 341 -15.46 30.58 40.19
C ASN A 341 -14.51 29.62 40.94
N THR A 342 -13.99 28.59 40.26
CA THR A 342 -13.02 27.67 40.88
C THR A 342 -11.69 28.36 41.04
N VAL A 343 -10.76 27.74 41.77
CA VAL A 343 -9.39 28.24 41.78
C VAL A 343 -8.58 27.87 40.56
N GLY A 344 -9.10 27.00 39.70
CA GLY A 344 -8.34 26.59 38.52
C GLY A 344 -8.23 27.68 37.47
N GLY A 345 -7.53 27.36 36.39
CA GLY A 345 -7.50 28.24 35.24
C GLY A 345 -8.75 28.15 34.37
N THR A 346 -8.54 28.33 33.06
CA THR A 346 -9.59 28.11 32.08
C THR A 346 -9.28 26.80 31.30
N LEU A 347 -10.33 26.04 30.95
CA LEU A 347 -10.13 24.82 30.16
C LEU A 347 -9.51 25.18 28.79
N PRO A 348 -8.47 24.44 28.32
CA PRO A 348 -7.90 24.89 27.05
C PRO A 348 -8.90 24.79 25.87
N GLY A 349 -8.84 25.78 24.95
CA GLY A 349 -9.60 25.77 23.73
C GLY A 349 -9.51 24.50 22.93
N ILE A 350 -8.34 23.88 22.97
CA ILE A 350 -7.99 22.76 22.12
C ILE A 350 -8.06 21.43 22.89
N ASP A 351 -8.69 21.43 24.05
CA ASP A 351 -8.85 20.21 24.81
C ASP A 351 -9.37 19.06 23.97
N GLY A 352 -10.38 19.34 23.17
CA GLY A 352 -11.15 18.32 22.48
C GLY A 352 -12.63 18.56 22.75
N LEU A 353 -12.95 19.04 23.96
CA LEU A 353 -14.32 19.45 24.31
C LEU A 353 -14.39 20.89 24.84
N GLY A 354 -13.36 21.67 24.55
CA GLY A 354 -13.22 23.04 25.05
C GLY A 354 -13.36 24.15 24.01
N ASP A 355 -13.88 23.79 22.85
CA ASP A 355 -13.94 24.65 21.65
C ASP A 355 -14.53 26.05 21.87
N TRP A 356 -15.57 26.12 22.69
CA TRP A 356 -16.23 27.36 22.99
C TRP A 356 -15.41 28.32 23.83
N ASN A 357 -14.30 27.88 24.41
CA ASN A 357 -13.46 28.84 25.14
C ASN A 357 -12.56 29.71 24.26
N ILE A 358 -12.52 29.43 22.96
CA ILE A 358 -11.72 30.20 22.02
C ILE A 358 -12.61 31.35 21.54
N PRO A 359 -12.12 32.61 21.66
CA PRO A 359 -12.93 33.76 21.23
C PRO A 359 -13.25 33.63 19.74
N TRP A 360 -14.42 34.05 19.40
CA TRP A 360 -14.93 33.90 18.05
C TRP A 360 -14.01 34.49 16.97
N ASP A 361 -13.41 35.65 17.27
CA ASP A 361 -12.54 36.30 16.35
C ASP A 361 -11.35 35.46 16.03
N GLN A 362 -10.80 34.79 17.02
CA GLN A 362 -9.72 33.86 16.79
C GLN A 362 -10.23 32.58 16.07
N TRP A 363 -11.35 32.00 16.52
CA TRP A 363 -11.87 30.80 15.88
C TRP A 363 -12.09 31.04 14.36
N ARG A 364 -12.76 32.14 14.08
CA ARG A 364 -13.13 32.53 12.74
C ARG A 364 -11.96 32.82 11.84
N ALA A 365 -10.93 33.47 12.35
CA ALA A 365 -9.71 33.70 11.56
C ALA A 365 -9.16 32.34 11.22
N GLY A 366 -9.31 31.34 12.08
CA GLY A 366 -8.88 29.99 11.74
C GLY A 366 -7.36 29.88 11.92
N ASN A 367 -6.84 28.70 11.57
CA ASN A 367 -5.40 28.40 11.60
C ASN A 367 -5.09 27.39 10.51
N ALA A 368 -5.71 27.55 9.34
CA ALA A 368 -5.33 26.79 8.14
C ALA A 368 -3.86 26.91 7.66
N LYS A 369 -3.10 27.89 8.17
CA LYS A 369 -1.58 27.82 8.16
C LYS A 369 -1.08 27.39 9.53
N LEU B 20 57.12 -30.24 -45.00
CA LEU B 20 55.69 -30.10 -44.57
C LEU B 20 55.16 -28.66 -44.63
N VAL B 21 54.05 -28.47 -45.35
CA VAL B 21 53.46 -27.13 -45.54
C VAL B 21 52.60 -26.85 -44.30
N PRO B 22 52.59 -25.59 -43.79
CA PRO B 22 51.62 -25.30 -42.74
C PRO B 22 50.13 -25.46 -43.15
N LYS B 23 49.32 -25.78 -42.13
CA LYS B 23 47.92 -26.09 -42.25
C LYS B 23 47.13 -25.09 -41.38
N LEU B 24 46.13 -24.45 -41.98
CA LEU B 24 45.15 -23.59 -41.27
C LEU B 24 43.76 -24.21 -41.05
N THR B 25 43.37 -24.29 -39.80
CA THR B 25 42.12 -24.89 -39.36
C THR B 25 41.40 -23.83 -38.50
N ALA B 26 40.20 -23.43 -38.90
CA ALA B 26 39.36 -22.48 -38.13
C ALA B 26 38.19 -23.16 -37.43
N SER B 27 37.67 -22.55 -36.39
CA SER B 27 36.46 -23.04 -35.73
C SER B 27 35.15 -22.74 -36.58
N VAL B 28 35.33 -22.19 -37.75
CA VAL B 28 34.24 -21.92 -38.68
C VAL B 28 34.74 -22.44 -40.04
N THR B 29 33.87 -22.48 -41.07
CA THR B 29 34.31 -22.79 -42.41
C THR B 29 33.95 -21.72 -43.37
N ASP B 30 34.70 -21.67 -44.45
CA ASP B 30 34.36 -20.75 -45.51
C ASP B 30 32.98 -21.13 -46.10
N GLY B 31 32.14 -20.14 -46.28
CA GLY B 31 30.82 -20.34 -46.81
C GLY B 31 29.76 -20.66 -45.77
N ALA B 32 30.12 -20.75 -44.49
CA ALA B 32 29.13 -21.17 -43.52
C ALA B 32 28.11 -20.02 -43.25
N VAL B 33 26.98 -20.44 -42.78
CA VAL B 33 25.84 -19.59 -42.58
C VAL B 33 25.24 -19.96 -41.21
N GLY B 34 24.50 -19.08 -40.57
CA GLY B 34 23.97 -19.31 -39.24
C GLY B 34 25.01 -19.61 -38.19
N VAL B 35 26.16 -18.98 -38.27
CA VAL B 35 27.19 -19.21 -37.27
C VAL B 35 26.72 -18.54 -35.99
N THR B 36 26.82 -19.26 -34.87
CA THR B 36 26.30 -18.78 -33.62
C THR B 36 27.36 -17.92 -32.94
N VAL B 37 26.88 -16.89 -32.30
CA VAL B 37 27.71 -15.84 -31.82
C VAL B 37 27.84 -15.94 -30.30
N ASP B 38 27.38 -17.06 -29.76
CA ASP B 38 27.71 -17.48 -28.40
C ASP B 38 29.14 -17.92 -28.12
N ALA B 39 29.99 -18.04 -29.12
CA ALA B 39 31.34 -18.54 -28.89
C ALA B 39 32.32 -17.68 -29.68
N PRO B 40 33.56 -17.58 -29.20
CA PRO B 40 34.56 -16.93 -30.00
C PRO B 40 34.87 -17.77 -31.26
N VAL B 41 35.48 -17.12 -32.25
CA VAL B 41 35.93 -17.77 -33.46
C VAL B 41 37.44 -17.87 -33.37
N SER B 42 38.00 -19.03 -33.72
CA SER B 42 39.45 -19.25 -33.62
C SER B 42 40.06 -19.90 -34.86
N VAL B 43 41.37 -19.79 -34.94
CA VAL B 43 42.18 -20.26 -36.03
C VAL B 43 43.43 -20.87 -35.41
N THR B 44 43.83 -22.00 -35.96
CA THR B 44 44.96 -22.78 -35.42
C THR B 44 45.91 -23.15 -36.56
N ALA B 45 47.20 -23.09 -36.26
CA ALA B 45 48.23 -23.49 -37.24
C ALA B 45 48.80 -24.83 -36.77
N ALA B 46 49.01 -25.75 -37.71
CA ALA B 46 49.87 -26.92 -37.46
C ALA B 46 51.06 -26.87 -38.46
N ASP B 47 52.22 -27.44 -38.11
CA ASP B 47 53.40 -27.53 -39.01
C ASP B 47 53.81 -26.14 -39.45
N GLY B 48 53.78 -25.24 -38.47
CA GLY B 48 53.86 -23.82 -38.71
C GLY B 48 53.24 -23.00 -37.61
N VAL B 49 53.18 -21.72 -37.88
CA VAL B 49 53.03 -20.71 -36.89
C VAL B 49 52.20 -19.62 -37.58
N LEU B 50 51.25 -19.01 -36.90
CA LEU B 50 50.45 -17.92 -37.52
C LEU B 50 51.26 -16.64 -37.54
N ALA B 51 51.49 -16.11 -38.72
CA ALA B 51 52.18 -14.86 -38.94
C ALA B 51 51.21 -13.68 -39.11
N ALA B 52 49.99 -13.96 -39.49
CA ALA B 52 49.02 -12.89 -39.68
C ALA B 52 47.66 -13.51 -39.58
N VAL B 53 46.83 -12.92 -38.72
CA VAL B 53 45.42 -13.22 -38.69
C VAL B 53 44.64 -11.92 -38.56
N THR B 54 43.70 -11.72 -39.48
CA THR B 54 42.71 -10.65 -39.31
C THR B 54 41.31 -11.09 -39.61
N MET B 55 40.38 -10.44 -38.93
CA MET B 55 39.00 -10.67 -39.13
C MET B 55 38.34 -9.35 -39.16
N VAL B 56 37.46 -9.20 -40.14
CA VAL B 56 36.90 -7.93 -40.52
C VAL B 56 35.38 -8.15 -40.71
N ASN B 57 34.57 -7.17 -40.31
CA ASN B 57 33.15 -7.23 -40.59
C ASN B 57 32.87 -6.74 -41.99
N ASP B 58 31.57 -6.75 -42.36
CA ASP B 58 31.07 -6.52 -43.73
C ASP B 58 31.64 -5.24 -44.30
N ASN B 59 31.72 -4.20 -43.48
CA ASN B 59 32.28 -2.92 -43.91
C ASN B 59 33.70 -2.62 -43.40
N GLY B 60 34.49 -3.68 -43.20
CA GLY B 60 35.93 -3.52 -43.02
C GLY B 60 36.46 -3.16 -41.64
N ARG B 61 35.58 -2.92 -40.67
CA ARG B 61 36.00 -2.66 -39.27
C ARG B 61 36.59 -3.98 -38.74
N PRO B 62 37.82 -3.93 -38.21
CA PRO B 62 38.44 -5.14 -37.67
C PRO B 62 37.80 -5.59 -36.37
N VAL B 63 37.90 -6.89 -36.10
CA VAL B 63 37.45 -7.45 -34.87
C VAL B 63 38.72 -7.70 -34.11
N ALA B 64 38.67 -7.41 -32.82
CA ALA B 64 39.77 -7.65 -31.94
C ALA B 64 39.96 -9.17 -31.71
N GLY B 65 41.24 -9.59 -31.68
CA GLY B 65 41.60 -10.96 -31.34
C GLY B 65 43.00 -10.97 -30.74
N ARG B 66 43.43 -12.15 -30.36
CA ARG B 66 44.68 -12.35 -29.62
C ARG B 66 45.32 -13.64 -30.12
N LEU B 67 46.60 -13.54 -30.49
CA LEU B 67 47.46 -14.63 -30.85
C LEU B 67 48.12 -15.19 -29.61
N SER B 68 48.08 -16.51 -29.45
CA SER B 68 48.76 -17.12 -28.30
C SER B 68 50.26 -16.93 -28.39
N PRO B 69 50.97 -16.92 -27.23
CA PRO B 69 52.45 -16.65 -27.30
C PRO B 69 53.21 -17.57 -28.21
N ASP B 70 52.81 -18.86 -28.30
CA ASP B 70 53.54 -19.83 -29.14
C ASP B 70 53.26 -19.72 -30.63
N GLY B 71 52.43 -18.74 -30.99
CA GLY B 71 52.02 -18.49 -32.38
C GLY B 71 51.04 -19.49 -32.96
N LEU B 72 50.52 -20.40 -32.16
CA LEU B 72 49.73 -21.51 -32.74
C LEU B 72 48.23 -21.17 -32.93
N ARG B 73 47.66 -20.43 -31.99
CA ARG B 73 46.21 -20.26 -31.89
C ARG B 73 45.84 -18.80 -31.74
N TRP B 74 44.90 -18.36 -32.54
CA TRP B 74 44.34 -17.02 -32.49
C TRP B 74 42.86 -17.15 -32.20
N SER B 75 42.33 -16.18 -31.49
CA SER B 75 40.93 -16.22 -31.17
C SER B 75 40.36 -14.82 -31.10
N THR B 76 39.07 -14.66 -31.45
CA THR B 76 38.41 -13.36 -31.26
C THR B 76 38.33 -13.16 -29.76
N THR B 77 38.35 -11.90 -29.34
CA THR B 77 38.27 -11.54 -27.92
C THR B 77 37.13 -10.59 -27.58
N GLU B 78 36.25 -10.29 -28.52
CA GLU B 78 35.12 -9.48 -28.24
C GLU B 78 33.94 -10.11 -28.88
N GLN B 79 32.79 -9.62 -28.47
CA GLN B 79 31.53 -10.19 -28.82
C GLN B 79 31.39 -10.04 -30.32
N LEU B 80 30.88 -11.06 -30.98
CA LEU B 80 30.60 -10.99 -32.43
C LEU B 80 29.13 -10.64 -32.59
N GLY B 81 28.78 -9.94 -33.64
CA GLY B 81 27.43 -9.41 -33.83
C GLY B 81 26.51 -10.31 -34.66
N TYR B 82 25.22 -10.28 -34.31
CA TYR B 82 24.15 -10.82 -35.13
C TYR B 82 24.14 -10.20 -36.51
N ASN B 83 23.76 -10.99 -37.51
CA ASN B 83 23.50 -10.50 -38.82
C ASN B 83 24.73 -9.86 -39.52
N ARG B 84 25.91 -10.49 -39.36
CA ARG B 84 27.12 -9.94 -39.96
C ARG B 84 27.72 -10.98 -40.90
N ARG B 85 28.48 -10.47 -41.84
CA ARG B 85 29.34 -11.18 -42.71
C ARG B 85 30.77 -10.86 -42.27
N TYR B 86 31.52 -11.88 -41.81
CA TYR B 86 32.88 -11.65 -41.36
C TYR B 86 33.84 -12.31 -42.33
N THR B 87 34.99 -11.72 -42.54
CA THR B 87 35.99 -12.37 -43.34
C THR B 87 37.30 -12.41 -42.60
N LEU B 88 37.84 -13.63 -42.62
CA LEU B 88 38.94 -14.04 -41.83
C LEU B 88 40.08 -14.22 -42.82
N ASN B 89 41.22 -13.57 -42.58
CA ASN B 89 42.40 -13.77 -43.40
C ASN B 89 43.52 -14.28 -42.47
N ALA B 90 44.12 -15.43 -42.79
CA ALA B 90 45.19 -16.02 -41.95
C ALA B 90 46.31 -16.46 -42.83
N THR B 91 47.56 -16.26 -42.38
CA THR B 91 48.72 -16.91 -43.03
C THR B 91 49.61 -17.58 -42.03
N ALA B 92 50.07 -18.76 -42.39
CA ALA B 92 50.93 -19.53 -41.56
C ALA B 92 52.24 -19.72 -42.26
N LEU B 93 53.31 -19.70 -41.47
CA LEU B 93 54.66 -19.91 -41.99
C LEU B 93 55.24 -21.04 -41.17
N GLY B 94 55.97 -21.91 -41.83
CA GLY B 94 56.81 -22.89 -41.17
C GLY B 94 57.97 -23.25 -42.09
N LEU B 95 58.86 -24.12 -41.65
CA LEU B 95 60.09 -24.44 -42.44
C LEU B 95 59.81 -25.06 -43.79
N GLY B 96 58.64 -25.66 -43.94
CA GLY B 96 58.19 -26.17 -45.22
C GLY B 96 57.49 -25.19 -46.15
N GLY B 97 57.42 -23.90 -45.79
CA GLY B 97 56.83 -22.87 -46.64
C GLY B 97 55.67 -22.12 -45.99
N ALA B 98 54.69 -21.72 -46.82
CA ALA B 98 53.64 -20.78 -46.41
C ALA B 98 52.25 -21.30 -46.77
N ALA B 99 51.23 -20.81 -46.07
CA ALA B 99 49.87 -21.12 -46.42
C ALA B 99 49.02 -19.96 -46.03
N THR B 100 48.14 -19.54 -46.91
CA THR B 100 47.15 -18.57 -46.52
C THR B 100 45.73 -18.96 -46.93
N ARG B 101 44.77 -18.67 -46.04
CA ARG B 101 43.38 -18.88 -46.28
C ARG B 101 42.58 -17.58 -46.09
N GLN B 102 41.48 -17.50 -46.85
CA GLN B 102 40.42 -16.53 -46.67
C GLN B 102 39.13 -17.28 -46.52
N LEU B 103 38.44 -17.01 -45.41
CA LEU B 103 37.15 -17.63 -45.06
C LEU B 103 36.13 -16.51 -44.81
N THR B 104 34.97 -16.64 -45.40
CA THR B 104 33.92 -15.71 -44.98
C THR B 104 32.73 -16.45 -44.54
N PHE B 105 32.11 -15.93 -43.48
CA PHE B 105 30.95 -16.61 -42.88
C PHE B 105 29.92 -15.60 -42.41
N GLN B 106 28.68 -16.05 -42.31
CA GLN B 106 27.58 -15.19 -41.87
C GLN B 106 26.97 -15.70 -40.54
N THR B 107 26.80 -14.78 -39.59
CA THR B 107 26.35 -15.16 -38.27
C THR B 107 24.83 -15.23 -38.28
N SER B 108 24.23 -15.80 -37.25
CA SER B 108 22.76 -15.84 -37.12
C SER B 108 22.13 -14.46 -37.30
N SER B 109 21.00 -14.42 -38.02
CA SER B 109 20.19 -13.19 -38.08
C SER B 109 18.88 -13.48 -37.35
N PRO B 110 18.78 -13.08 -36.09
CA PRO B 110 17.51 -13.31 -35.40
C PRO B 110 16.29 -12.64 -36.09
N ALA B 111 15.16 -13.30 -36.07
CA ALA B 111 13.85 -12.66 -36.26
C ALA B 111 13.44 -11.76 -35.07
N HIS B 112 13.68 -12.23 -33.84
CA HIS B 112 13.41 -11.45 -32.59
C HIS B 112 14.56 -11.61 -31.62
N LEU B 113 14.61 -10.68 -30.67
CA LEU B 113 15.49 -10.75 -29.52
C LEU B 113 14.72 -10.74 -28.21
N THR B 114 15.30 -11.39 -27.18
CA THR B 114 14.75 -11.35 -25.82
C THR B 114 15.80 -11.11 -24.79
N MET B 115 15.51 -10.22 -23.86
CA MET B 115 16.39 -9.87 -22.77
C MET B 115 15.96 -10.60 -21.52
N PRO B 116 16.88 -11.29 -20.88
CA PRO B 116 16.54 -11.93 -19.62
C PRO B 116 16.81 -11.00 -18.45
N TYR B 117 16.07 -11.22 -17.35
CA TYR B 117 16.26 -10.50 -16.11
C TYR B 117 16.32 -11.52 -15.00
N VAL B 118 17.43 -11.50 -14.24
CA VAL B 118 17.65 -12.41 -13.13
C VAL B 118 17.43 -11.85 -11.74
N MET B 119 16.86 -12.72 -10.88
CA MET B 119 16.73 -12.44 -9.47
C MET B 119 17.18 -13.70 -8.68
N PRO B 120 17.64 -13.56 -7.43
CA PRO B 120 17.83 -12.25 -6.76
C PRO B 120 19.03 -11.42 -7.26
N GLY B 121 19.16 -10.21 -6.70
CA GLY B 121 20.18 -9.23 -7.07
C GLY B 121 21.60 -9.66 -6.78
N ASP B 122 22.53 -9.14 -7.56
CA ASP B 122 23.93 -9.55 -7.44
C ASP B 122 24.51 -9.10 -6.11
N GLY B 123 25.30 -9.95 -5.48
CA GLY B 123 25.77 -9.71 -4.11
C GLY B 123 24.74 -9.76 -2.97
N GLU B 124 23.43 -9.92 -3.23
CA GLU B 124 22.39 -9.94 -2.18
C GLU B 124 22.67 -11.20 -1.26
N VAL B 125 22.27 -11.07 0.01
CA VAL B 125 22.12 -12.25 0.91
C VAL B 125 20.61 -12.46 1.12
N VAL B 126 20.18 -13.70 0.89
CA VAL B 126 18.74 -14.06 0.84
C VAL B 126 18.48 -15.31 1.64
N GLY B 127 17.20 -15.52 1.92
CA GLY B 127 16.78 -16.64 2.71
C GLY B 127 16.77 -18.01 2.03
N VAL B 128 16.50 -19.03 2.84
CA VAL B 128 16.67 -20.42 2.37
C VAL B 128 15.64 -20.88 1.35
N GLY B 129 14.59 -20.10 1.13
CA GLY B 129 13.58 -20.45 0.13
C GLY B 129 13.70 -19.75 -1.22
N GLU B 130 14.76 -18.97 -1.41
CA GLU B 130 14.89 -18.12 -2.57
C GLU B 130 15.25 -18.96 -3.83
N PRO B 131 14.36 -18.99 -4.83
CA PRO B 131 14.69 -19.67 -6.08
C PRO B 131 15.51 -18.75 -6.96
N VAL B 132 16.32 -19.32 -7.85
CA VAL B 132 16.85 -18.55 -8.95
C VAL B 132 15.72 -18.27 -9.87
N ALA B 133 15.61 -17.02 -10.33
CA ALA B 133 14.56 -16.67 -11.29
C ALA B 133 15.09 -16.00 -12.51
N ILE B 134 14.67 -16.44 -13.69
CA ILE B 134 15.10 -15.82 -14.95
C ILE B 134 13.80 -15.48 -15.71
N ARG B 135 13.56 -14.18 -15.90
CA ARG B 135 12.39 -13.73 -16.62
C ARG B 135 12.84 -13.12 -17.96
N PHE B 136 12.25 -13.58 -19.05
CA PHE B 136 12.52 -13.06 -20.37
C PHE B 136 11.44 -12.06 -20.68
N ASP B 137 11.77 -11.02 -21.46
CA ASP B 137 10.72 -10.08 -21.91
C ASP B 137 9.90 -10.56 -23.06
N GLU B 138 10.03 -11.83 -23.49
CA GLU B 138 9.19 -12.42 -24.53
C GLU B 138 8.94 -13.88 -24.23
N ASN B 139 7.88 -14.43 -24.86
CA ASN B 139 7.49 -15.85 -24.79
C ASN B 139 8.55 -16.74 -25.37
N ILE B 140 8.97 -17.74 -24.60
CA ILE B 140 10.09 -18.59 -25.03
C ILE B 140 9.55 -19.87 -25.68
N ALA B 141 9.78 -20.00 -26.96
CA ALA B 141 9.20 -21.10 -27.71
C ALA B 141 9.99 -22.38 -27.43
N ASP B 142 11.32 -22.29 -27.27
CA ASP B 142 12.14 -23.45 -26.95
C ASP B 142 12.71 -23.40 -25.49
N ARG B 143 11.92 -23.90 -24.54
CA ARG B 143 12.24 -23.80 -23.11
C ARG B 143 13.50 -24.57 -22.81
N GLY B 144 13.69 -25.72 -23.49
CA GLY B 144 14.91 -26.53 -23.32
C GLY B 144 16.19 -25.79 -23.68
N ALA B 145 16.13 -24.97 -24.73
CA ALA B 145 17.30 -24.20 -25.11
C ALA B 145 17.68 -23.16 -24.04
N ALA B 146 16.67 -22.54 -23.45
CA ALA B 146 16.88 -21.55 -22.41
C ALA B 146 17.47 -22.22 -21.15
N GLU B 147 16.89 -23.34 -20.77
CA GLU B 147 17.37 -24.10 -19.58
C GLU B 147 18.81 -24.49 -19.72
N LYS B 148 19.17 -24.99 -20.89
CA LYS B 148 20.53 -25.40 -21.16
C LYS B 148 21.49 -24.22 -21.20
N ALA B 149 21.02 -23.02 -21.53
CA ALA B 149 21.89 -21.83 -21.62
C ALA B 149 22.15 -21.17 -20.28
N ILE B 150 21.43 -21.64 -19.25
CA ILE B 150 21.54 -21.09 -17.90
C ILE B 150 22.42 -21.99 -17.04
N LYS B 151 23.58 -21.51 -16.64
CA LYS B 151 24.52 -22.32 -15.89
C LYS B 151 24.44 -21.91 -14.39
N ILE B 152 23.93 -22.82 -13.56
CA ILE B 152 23.93 -22.64 -12.09
C ILE B 152 25.06 -23.41 -11.44
N THR B 153 25.85 -22.70 -10.62
CA THR B 153 26.87 -23.32 -9.78
C THR B 153 26.45 -23.05 -8.34
N THR B 154 26.55 -24.07 -7.51
CA THR B 154 26.26 -23.98 -6.10
C THR B 154 27.46 -24.49 -5.32
N ASN B 155 27.75 -23.84 -4.19
CA ASN B 155 28.78 -24.30 -3.26
C ASN B 155 28.35 -24.13 -1.78
N PRO B 156 27.96 -25.18 -1.05
CA PRO B 156 28.20 -26.58 -1.43
C PRO B 156 27.34 -27.02 -2.58
N PRO B 157 27.88 -27.88 -3.48
CA PRO B 157 27.06 -28.31 -4.61
C PRO B 157 25.78 -28.92 -4.13
N VAL B 158 24.71 -28.71 -4.86
CA VAL B 158 23.44 -29.34 -4.51
C VAL B 158 22.65 -29.39 -5.80
N GLU B 159 21.84 -30.41 -5.96
CA GLU B 159 21.14 -30.59 -7.18
C GLU B 159 19.86 -29.70 -7.16
N GLY B 160 19.48 -29.17 -8.31
CA GLY B 160 18.21 -28.49 -8.47
C GLY B 160 17.70 -28.74 -9.86
N ALA B 161 16.64 -28.05 -10.25
CA ALA B 161 15.93 -28.28 -11.52
C ALA B 161 15.12 -27.05 -11.88
N PHE B 162 14.80 -26.93 -13.17
CA PHE B 162 14.02 -25.80 -13.73
C PHE B 162 12.53 -26.07 -13.80
N TYR B 163 11.73 -25.04 -13.57
CA TYR B 163 10.29 -25.13 -13.76
C TYR B 163 9.77 -23.76 -14.17
N TRP B 164 8.88 -23.73 -15.15
CA TRP B 164 8.38 -22.50 -15.70
C TRP B 164 7.08 -22.11 -15.00
N LEU B 165 7.03 -20.90 -14.46
CA LEU B 165 5.80 -20.38 -13.85
C LEU B 165 4.82 -19.94 -14.89
N ASN B 166 5.32 -19.56 -16.06
CA ASN B 166 4.55 -18.99 -17.16
C ASN B 166 5.43 -19.06 -18.41
N ASN B 167 4.99 -18.50 -19.52
CA ASN B 167 5.76 -18.55 -20.76
C ASN B 167 7.03 -17.70 -20.77
N ARG B 168 7.25 -16.82 -19.77
CA ARG B 168 8.41 -15.92 -19.76
C ARG B 168 9.43 -16.17 -18.70
N GLU B 169 9.00 -16.76 -17.58
CA GLU B 169 9.81 -16.88 -16.41
C GLU B 169 10.03 -18.30 -15.98
N VAL B 170 11.29 -18.65 -15.78
CA VAL B 170 11.71 -19.96 -15.35
C VAL B 170 12.40 -19.84 -14.00
N ARG B 171 12.22 -20.87 -13.17
CA ARG B 171 12.78 -20.90 -11.84
C ARG B 171 13.63 -22.13 -11.65
N TRP B 172 14.71 -21.99 -10.88
CA TRP B 172 15.54 -23.12 -10.43
C TRP B 172 15.71 -23.14 -8.90
N ARG B 173 15.41 -24.28 -8.30
CA ARG B 173 15.65 -24.47 -6.87
C ARG B 173 16.02 -25.93 -6.59
N PRO B 174 16.62 -26.17 -5.44
CA PRO B 174 16.83 -27.52 -5.02
C PRO B 174 15.53 -28.17 -4.50
N GLU B 175 15.66 -29.41 -4.07
CA GLU B 175 14.50 -30.16 -3.62
C GLU B 175 14.06 -29.63 -2.27
N HIS B 176 15.04 -29.35 -1.41
CA HIS B 176 14.77 -28.88 -0.08
C HIS B 176 15.35 -27.44 0.01
N PHE B 177 14.91 -26.70 1.03
CA PHE B 177 15.42 -25.37 1.30
C PHE B 177 16.92 -25.35 1.29
N TRP B 178 17.49 -24.31 0.70
CA TRP B 178 18.95 -24.09 0.75
C TRP B 178 19.54 -24.25 2.13
N LYS B 179 20.75 -24.78 2.17
CA LYS B 179 21.59 -24.81 3.35
C LYS B 179 22.19 -23.40 3.54
N PRO B 180 22.07 -22.82 4.73
CA PRO B 180 22.78 -21.56 4.98
C PRO B 180 24.28 -21.62 4.66
N GLY B 181 24.80 -20.53 4.12
CA GLY B 181 26.19 -20.46 3.72
C GLY B 181 26.46 -20.88 2.29
N THR B 182 25.41 -21.17 1.53
CA THR B 182 25.54 -21.60 0.15
C THR B 182 25.71 -20.39 -0.80
N ALA B 183 26.79 -20.47 -1.60
CA ALA B 183 27.04 -19.56 -2.74
C ALA B 183 26.31 -20.11 -3.95
N VAL B 184 25.63 -19.20 -4.65
CA VAL B 184 24.88 -19.51 -5.84
C VAL B 184 25.33 -18.55 -6.94
N ASP B 185 25.73 -19.12 -8.07
CA ASP B 185 26.18 -18.37 -9.22
C ASP B 185 25.32 -18.69 -10.40
N VAL B 186 24.74 -17.66 -11.03
CA VAL B 186 23.79 -17.80 -12.13
C VAL B 186 24.35 -17.15 -13.39
N ALA B 187 24.76 -17.95 -14.38
CA ALA B 187 25.24 -17.47 -15.66
C ALA B 187 24.20 -17.72 -16.74
N VAL B 188 23.50 -16.66 -17.11
CA VAL B 188 22.48 -16.71 -18.15
C VAL B 188 23.16 -16.36 -19.45
N ASN B 189 23.61 -17.40 -20.15
CA ASN B 189 24.46 -17.30 -21.33
C ASN B 189 23.62 -17.40 -22.60
N THR B 190 22.76 -16.40 -22.76
CA THR B 190 21.69 -16.45 -23.78
C THR B 190 22.06 -15.75 -25.07
N TYR B 191 23.11 -14.92 -25.02
CA TYR B 191 23.61 -14.29 -26.22
C TYR B 191 24.10 -15.33 -27.20
N GLY B 192 23.58 -15.21 -28.42
CA GLY B 192 23.84 -16.10 -29.54
C GLY B 192 23.11 -17.42 -29.53
N VAL B 193 22.28 -17.67 -28.53
CA VAL B 193 21.51 -18.90 -28.44
C VAL B 193 20.14 -18.72 -29.13
N ASP B 194 19.81 -19.68 -30.01
CA ASP B 194 18.47 -19.71 -30.61
C ASP B 194 17.52 -20.28 -29.56
N LEU B 195 16.62 -19.43 -29.09
CA LEU B 195 15.60 -19.83 -28.12
C LEU B 195 14.26 -20.23 -28.78
N GLY B 196 14.30 -20.41 -30.08
CA GLY B 196 13.19 -20.97 -30.80
C GLY B 196 12.50 -19.91 -31.63
N GLU B 197 12.00 -20.37 -32.79
CA GLU B 197 11.21 -19.55 -33.70
C GLU B 197 11.97 -18.28 -34.05
N GLY B 198 13.28 -18.41 -34.19
CA GLY B 198 14.15 -17.31 -34.58
C GLY B 198 14.33 -16.19 -33.59
N MET B 199 14.01 -16.46 -32.31
CA MET B 199 14.26 -15.57 -31.21
C MET B 199 15.61 -15.96 -30.58
N PHE B 200 16.48 -14.98 -30.34
CA PHE B 200 17.82 -15.15 -29.79
C PHE B 200 17.99 -14.21 -28.61
N GLY B 201 18.92 -14.51 -27.71
CA GLY B 201 19.18 -13.68 -26.53
C GLY B 201 19.79 -12.33 -26.93
N GLU B 202 19.29 -11.26 -26.33
CA GLU B 202 19.84 -9.92 -26.63
C GLU B 202 21.19 -9.77 -25.97
N ASP B 203 21.35 -10.44 -24.84
CA ASP B 203 22.53 -10.35 -24.03
C ASP B 203 22.60 -11.49 -23.01
N ASN B 204 23.79 -11.67 -22.45
CA ASN B 204 24.00 -12.45 -21.27
C ASN B 204 23.69 -11.65 -20.01
N VAL B 205 23.29 -12.33 -18.93
CA VAL B 205 23.31 -11.70 -17.60
C VAL B 205 23.86 -12.69 -16.61
N GLN B 206 24.31 -12.12 -15.50
CA GLN B 206 24.92 -12.87 -14.43
C GLN B 206 24.37 -12.30 -13.10
N THR B 207 24.10 -13.17 -12.13
CA THR B 207 24.07 -12.76 -10.75
C THR B 207 24.83 -13.78 -9.87
N HIS B 208 25.25 -13.31 -8.70
CA HIS B 208 25.80 -14.20 -7.68
C HIS B 208 25.24 -13.81 -6.30
N PHE B 209 24.86 -14.80 -5.50
CA PHE B 209 24.24 -14.47 -4.22
C PHE B 209 24.56 -15.53 -3.24
N THR B 210 24.25 -15.22 -1.98
CA THR B 210 24.58 -16.08 -0.89
C THR B 210 23.37 -16.32 -0.01
N ILE B 211 23.28 -17.55 0.53
CA ILE B 211 22.19 -17.95 1.39
C ILE B 211 22.55 -17.65 2.83
N GLY B 212 21.71 -16.86 3.47
CA GLY B 212 21.87 -16.47 4.89
C GLY B 212 21.26 -17.45 5.88
N ASP B 213 20.92 -16.96 7.07
CA ASP B 213 20.27 -17.77 8.12
C ASP B 213 18.96 -18.38 7.64
N GLU B 214 18.67 -19.57 8.16
CA GLU B 214 17.35 -20.20 8.10
C GLU B 214 16.32 -19.45 8.96
N VAL B 215 15.33 -18.81 8.33
CA VAL B 215 14.30 -18.09 9.02
C VAL B 215 13.00 -18.63 8.48
N ILE B 216 12.22 -19.28 9.31
CA ILE B 216 10.96 -19.88 8.85
C ILE B 216 9.91 -19.40 9.82
N ALA B 217 8.86 -18.75 9.34
CA ALA B 217 7.83 -18.25 10.26
C ALA B 217 6.58 -19.06 10.01
N THR B 218 5.98 -19.64 11.05
CA THR B 218 4.82 -20.48 10.89
C THR B 218 3.58 -19.84 11.48
N ALA B 219 2.58 -19.66 10.64
CA ALA B 219 1.26 -19.17 11.03
C ALA B 219 0.32 -20.37 11.19
N ASP B 220 -0.12 -20.65 12.42
CA ASP B 220 -1.07 -21.77 12.68
C ASP B 220 -2.42 -21.17 12.96
N ASP B 221 -3.39 -21.46 12.11
CA ASP B 221 -4.76 -21.01 12.36
C ASP B 221 -5.39 -21.63 13.61
N ASN B 222 -4.96 -22.83 14.03
CA ASN B 222 -5.42 -23.39 15.31
C ASN B 222 -5.09 -22.57 16.53
N THR B 223 -3.97 -21.85 16.48
CA THR B 223 -3.54 -20.99 17.56
C THR B 223 -3.63 -19.50 17.25
N LYS B 224 -3.71 -19.13 15.98
CA LYS B 224 -3.64 -17.71 15.58
C LYS B 224 -2.40 -16.98 16.02
N ILE B 225 -1.30 -17.75 16.03
CA ILE B 225 0.02 -17.22 16.31
C ILE B 225 0.96 -17.41 15.07
N LEU B 226 1.74 -16.37 14.71
CA LEU B 226 2.84 -16.50 13.77
C LEU B 226 4.17 -16.58 14.54
N THR B 227 4.81 -17.72 14.48
CA THR B 227 6.04 -17.97 15.22
C THR B 227 7.22 -17.90 14.27
N VAL B 228 8.17 -17.04 14.58
CA VAL B 228 9.37 -16.88 13.76
C VAL B 228 10.46 -17.72 14.42
N ARG B 229 11.06 -18.61 13.64
CA ARG B 229 12.20 -19.41 14.06
C ARG B 229 13.45 -19.08 13.23
N VAL B 230 14.56 -18.83 13.88
CA VAL B 230 15.82 -18.48 13.24
C VAL B 230 16.79 -19.61 13.57
N ASN B 231 17.23 -20.35 12.55
CA ASN B 231 18.06 -21.53 12.71
C ASN B 231 17.53 -22.43 13.84
N GLY B 232 16.22 -22.67 13.80
CA GLY B 232 15.54 -23.63 14.66
C GLY B 232 15.02 -23.04 15.94
N GLU B 233 15.48 -21.85 16.33
CA GLU B 233 15.09 -21.28 17.61
C GLU B 233 13.95 -20.29 17.51
N VAL B 234 13.02 -20.36 18.44
CA VAL B 234 11.87 -19.47 18.47
C VAL B 234 12.34 -18.13 19.00
N VAL B 235 12.22 -17.11 18.19
CA VAL B 235 12.65 -15.78 18.59
C VAL B 235 11.52 -14.80 18.70
N LYS B 236 10.40 -15.09 18.08
CA LYS B 236 9.23 -14.25 18.20
C LYS B 236 7.95 -15.00 18.01
N SER B 237 6.94 -14.60 18.79
CA SER B 237 5.58 -15.15 18.65
C SER B 237 4.54 -14.06 18.54
N MET B 238 3.91 -13.95 17.37
CA MET B 238 3.09 -12.78 17.03
C MET B 238 1.63 -13.23 16.92
N PRO B 239 0.77 -12.71 17.79
CA PRO B 239 -0.67 -12.91 17.60
C PRO B 239 -1.06 -12.40 16.23
N THR B 240 -1.78 -13.20 15.46
CA THR B 240 -2.17 -12.75 14.15
C THR B 240 -3.67 -12.86 13.90
N SER B 241 -4.18 -12.02 12.99
CA SER B 241 -5.52 -12.21 12.38
C SER B 241 -5.30 -12.45 10.89
N MET B 242 -5.71 -13.62 10.40
CA MET B 242 -5.56 -14.04 9.00
C MET B 242 -6.92 -13.88 8.30
N GLY B 243 -7.07 -14.39 7.10
CA GLY B 243 -8.26 -14.13 6.31
C GLY B 243 -9.51 -14.71 6.91
N LYS B 244 -10.57 -13.89 6.98
CA LYS B 244 -11.89 -14.38 7.41
C LYS B 244 -12.33 -15.52 6.51
N ASP B 245 -13.30 -16.32 6.96
CA ASP B 245 -13.71 -17.55 6.24
C ASP B 245 -14.05 -17.36 4.76
N SER B 246 -14.74 -16.26 4.46
CA SER B 246 -15.15 -15.93 3.10
C SER B 246 -13.97 -15.54 2.18
N THR B 247 -12.83 -15.11 2.78
CA THR B 247 -11.61 -14.74 2.03
C THR B 247 -10.38 -15.27 2.78
N PRO B 248 -10.25 -16.59 2.81
CA PRO B 248 -9.32 -17.21 3.76
C PRO B 248 -7.89 -17.08 3.34
N THR B 249 -6.93 -17.26 4.24
CA THR B 249 -5.52 -17.25 3.82
C THR B 249 -5.25 -18.69 3.39
N ALA B 250 -4.73 -18.87 2.19
CA ALA B 250 -4.38 -20.22 1.72
C ALA B 250 -3.26 -20.82 2.57
N ASN B 251 -3.34 -22.14 2.84
CA ASN B 251 -2.23 -22.88 3.47
C ASN B 251 -1.13 -23.09 2.48
N GLY B 252 0.03 -23.48 3.01
CA GLY B 252 1.19 -23.71 2.18
C GLY B 252 2.39 -22.90 2.56
N ILE B 253 3.40 -23.04 1.72
CA ILE B 253 4.68 -22.38 1.87
C ILE B 253 4.77 -21.15 0.98
N TYR B 254 5.00 -20.01 1.61
CA TYR B 254 5.20 -18.72 0.95
C TYR B 254 6.66 -18.24 1.07
N ILE B 255 7.20 -17.72 -0.02
CA ILE B 255 8.53 -17.12 -0.01
C ILE B 255 8.41 -15.60 0.20
N VAL B 256 9.24 -15.08 1.09
CA VAL B 256 9.21 -13.63 1.34
C VAL B 256 9.81 -12.94 0.12
N GLY B 257 9.10 -11.95 -0.40
CA GLY B 257 9.63 -11.14 -1.49
C GLY B 257 10.10 -9.77 -0.97
N SER B 258 9.52 -8.69 -1.48
CA SER B 258 9.82 -7.32 -1.07
C SER B 258 9.20 -6.86 0.25
N ARG B 259 9.77 -5.79 0.79
CA ARG B 259 9.32 -5.18 2.04
C ARG B 259 9.17 -3.65 1.88
N TYR B 260 8.21 -3.10 2.59
CA TYR B 260 7.82 -1.71 2.42
C TYR B 260 7.62 -1.08 3.77
N LYS B 261 8.27 0.04 4.01
CA LYS B 261 7.92 0.88 5.16
C LYS B 261 6.43 1.25 5.14
N HIS B 262 5.91 1.63 4.00
CA HIS B 262 4.43 1.71 3.89
C HIS B 262 4.08 1.48 2.44
N ILE B 263 2.82 1.16 2.19
CA ILE B 263 2.41 0.85 0.83
C ILE B 263 0.91 0.93 0.76
N ILE B 264 0.41 1.40 -0.38
CA ILE B 264 -1.02 1.39 -0.63
C ILE B 264 -1.39 0.01 -1.21
N MET B 265 -1.99 -0.83 -0.40
CA MET B 265 -2.43 -2.11 -0.93
C MET B 265 -3.74 -1.91 -1.68
N ASP B 266 -3.74 -2.27 -2.95
CA ASP B 266 -4.84 -1.96 -3.87
C ASP B 266 -5.25 -3.30 -4.49
N SER B 267 -6.50 -3.72 -4.22
CA SER B 267 -6.96 -5.05 -4.59
C SER B 267 -6.87 -5.27 -6.10
N SER B 268 -7.11 -4.22 -6.88
CA SER B 268 -7.09 -4.31 -8.35
C SER B 268 -5.76 -4.74 -8.92
N THR B 269 -4.66 -4.41 -8.25
CA THR B 269 -3.35 -4.99 -8.53
C THR B 269 -3.38 -6.52 -8.64
N TYR B 270 -4.20 -7.15 -7.80
CA TYR B 270 -4.27 -8.62 -7.63
C TYR B 270 -5.52 -9.23 -8.20
N GLY B 271 -6.16 -8.55 -9.16
CA GLY B 271 -7.35 -9.10 -9.82
C GLY B 271 -8.70 -8.68 -9.26
N VAL B 272 -8.76 -8.09 -8.08
CA VAL B 272 -10.06 -7.82 -7.45
C VAL B 272 -10.39 -6.30 -7.53
N PRO B 273 -11.53 -5.95 -8.18
CA PRO B 273 -11.83 -4.50 -8.32
C PRO B 273 -12.08 -3.88 -6.94
N VAL B 274 -11.51 -2.72 -6.68
CA VAL B 274 -11.65 -2.05 -5.39
C VAL B 274 -13.12 -1.94 -5.00
N ASN B 275 -13.91 -1.53 -5.98
CA ASN B 275 -15.35 -1.31 -5.84
C ASN B 275 -16.17 -2.57 -5.57
N SER B 276 -15.61 -3.75 -5.84
CA SER B 276 -16.29 -5.04 -5.64
C SER B 276 -16.40 -5.41 -4.14
N PRO B 277 -17.14 -6.49 -3.80
CA PRO B 277 -17.28 -6.99 -2.43
C PRO B 277 -16.00 -7.34 -1.66
N ASN B 278 -14.99 -7.90 -2.32
CA ASN B 278 -13.79 -8.23 -1.61
C ASN B 278 -12.68 -7.27 -1.94
N GLY B 279 -12.99 -6.16 -2.62
CA GLY B 279 -11.97 -5.20 -2.97
C GLY B 279 -11.58 -4.36 -1.77
N TYR B 280 -10.49 -3.62 -1.94
CA TYR B 280 -10.00 -2.74 -0.90
C TYR B 280 -8.92 -1.90 -1.49
N ARG B 281 -8.64 -0.79 -0.81
CA ARG B 281 -7.48 0.01 -1.09
C ARG B 281 -7.12 0.54 0.28
N THR B 282 -6.00 0.09 0.86
CA THR B 282 -5.61 0.62 2.15
C THR B 282 -4.15 0.86 2.30
N ASP B 283 -3.86 2.02 2.88
CA ASP B 283 -2.50 2.40 3.22
C ASP B 283 -2.05 1.66 4.50
N VAL B 284 -0.97 0.88 4.46
CA VAL B 284 -0.55 0.11 5.65
C VAL B 284 0.93 0.28 5.87
N ASP B 285 1.35 0.01 7.08
CA ASP B 285 2.76 0.12 7.38
C ASP B 285 3.38 -1.25 7.55
N TRP B 286 4.69 -1.27 7.40
CA TRP B 286 5.56 -2.34 7.71
C TRP B 286 5.03 -3.62 7.05
N ALA B 287 5.06 -3.64 5.71
CA ALA B 287 4.40 -4.67 4.93
C ALA B 287 5.43 -5.49 4.26
N THR B 288 5.35 -6.80 4.46
CA THR B 288 6.24 -7.75 3.84
C THR B 288 5.41 -8.66 2.94
N GLN B 289 5.70 -8.64 1.66
CA GLN B 289 4.95 -9.42 0.68
C GLN B 289 5.37 -10.92 0.70
N ILE B 290 4.39 -11.80 0.78
CA ILE B 290 4.65 -13.24 0.74
C ILE B 290 3.91 -13.98 -0.39
N SER B 291 3.05 -13.30 -1.14
CA SER B 291 2.54 -13.86 -2.40
C SER B 291 2.26 -12.80 -3.48
N TYR B 292 2.36 -13.20 -4.74
CA TYR B 292 1.95 -12.34 -5.86
C TYR B 292 0.46 -12.15 -5.86
N SER B 293 -0.28 -13.12 -5.31
CA SER B 293 -1.73 -12.93 -5.10
C SER B 293 -2.08 -11.84 -4.08
N GLY B 294 -1.07 -11.23 -3.45
CA GLY B 294 -1.27 -10.06 -2.60
C GLY B 294 -1.37 -10.32 -1.10
N VAL B 295 -0.90 -11.47 -0.64
CA VAL B 295 -0.69 -11.70 0.77
C VAL B 295 0.58 -10.99 1.24
N PHE B 296 0.38 -10.22 2.30
CA PHE B 296 1.43 -9.60 3.04
C PHE B 296 1.23 -9.84 4.55
N VAL B 297 2.35 -9.85 5.26
CA VAL B 297 2.40 -9.62 6.69
C VAL B 297 2.59 -8.14 6.88
N HIS B 298 1.73 -7.50 7.64
CA HIS B 298 1.80 -6.02 7.80
C HIS B 298 1.11 -5.56 9.07
N SER B 299 1.31 -4.27 9.36
CA SER B 299 0.79 -3.63 10.57
C SER B 299 -0.67 -3.45 10.45
N ALA B 300 -1.40 -3.89 11.48
CA ALA B 300 -2.87 -3.85 11.46
C ALA B 300 -3.42 -3.36 12.83
N PRO B 301 -3.27 -2.04 13.09
CA PRO B 301 -3.74 -1.43 14.35
C PRO B 301 -5.24 -1.60 14.60
N TRP B 302 -6.05 -1.61 13.55
CA TRP B 302 -7.51 -1.83 13.65
C TRP B 302 -7.98 -3.22 14.15
N SER B 303 -7.17 -4.26 14.06
CA SER B 303 -7.61 -5.63 14.48
C SER B 303 -6.74 -6.20 15.61
N VAL B 304 -5.96 -5.34 16.28
CA VAL B 304 -5.16 -5.81 17.46
C VAL B 304 -6.02 -6.63 18.39
N GLY B 305 -7.28 -6.23 18.61
CA GLY B 305 -8.23 -6.99 19.46
C GLY B 305 -8.60 -8.36 18.97
N ALA B 306 -8.62 -8.53 17.67
CA ALA B 306 -8.94 -9.81 17.03
C ALA B 306 -7.73 -10.76 16.92
N GLN B 307 -6.53 -10.19 16.89
CA GLN B 307 -5.29 -10.94 16.61
C GLN B 307 -5.00 -11.93 17.72
N GLY B 308 -4.60 -13.13 17.36
CA GLY B 308 -4.52 -14.22 18.33
C GLY B 308 -5.87 -14.88 18.62
N HIS B 309 -6.99 -14.35 18.05
CA HIS B 309 -8.35 -14.82 18.41
C HIS B 309 -9.21 -15.23 17.22
N THR B 310 -9.44 -14.29 16.29
CA THR B 310 -10.36 -14.46 15.16
C THR B 310 -9.80 -13.82 13.85
N ASN B 311 -10.14 -14.45 12.74
CA ASN B 311 -9.70 -14.04 11.42
C ASN B 311 -10.65 -13.00 10.88
N THR B 312 -10.09 -11.85 10.43
CA THR B 312 -10.83 -10.71 9.95
C THR B 312 -10.34 -10.13 8.61
N SER B 313 -9.26 -10.65 7.99
CA SER B 313 -8.64 -9.91 6.88
C SER B 313 -9.14 -10.47 5.56
N HIS B 314 -8.59 -9.88 4.50
CA HIS B 314 -8.74 -10.38 3.13
C HIS B 314 -7.92 -11.56 2.47
N GLY B 315 -6.86 -12.23 2.90
CA GLY B 315 -6.31 -12.36 4.11
C GLY B 315 -4.80 -12.39 4.09
N CYS B 316 -4.34 -11.17 4.27
CA CYS B 316 -3.08 -10.85 4.84
C CYS B 316 -2.96 -11.40 6.26
N LEU B 317 -1.73 -11.50 6.69
CA LEU B 317 -1.43 -11.81 8.07
C LEU B 317 -1.37 -10.48 8.80
N ASN B 318 -2.51 -10.08 9.42
CA ASN B 318 -2.51 -8.89 10.26
C ASN B 318 -1.74 -9.22 11.54
N VAL B 319 -0.85 -8.31 11.91
CA VAL B 319 -0.13 -8.37 13.20
C VAL B 319 -0.02 -6.93 13.76
N SER B 320 0.47 -6.83 15.00
CA SER B 320 0.58 -5.51 15.64
C SER B 320 1.62 -4.66 14.96
N PRO B 321 1.50 -3.33 15.05
CA PRO B 321 2.52 -2.45 14.51
C PRO B 321 3.96 -2.80 14.88
N SER B 322 4.23 -3.14 16.13
CA SER B 322 5.62 -3.43 16.53
C SER B 322 6.06 -4.76 15.96
N ASN B 323 5.13 -5.76 15.93
CA ASN B 323 5.45 -7.07 15.31
C ASN B 323 5.71 -6.94 13.79
N ALA B 324 4.93 -6.07 13.12
CA ALA B 324 5.10 -5.82 11.68
C ALA B 324 6.48 -5.26 11.35
N GLN B 325 6.88 -4.28 12.16
CA GLN B 325 8.16 -3.66 12.03
C GLN B 325 9.28 -4.57 12.41
N TRP B 326 9.10 -5.30 13.49
CA TRP B 326 10.06 -6.39 13.81
C TRP B 326 10.28 -7.32 12.58
N PHE B 327 9.17 -7.68 11.95
CA PHE B 327 9.18 -8.64 10.81
C PHE B 327 9.92 -8.00 9.64
N TYR B 328 9.51 -6.79 9.28
CA TYR B 328 10.25 -5.95 8.33
C TYR B 328 11.76 -5.96 8.60
N ASP B 329 12.15 -5.69 9.85
CA ASP B 329 13.58 -5.55 10.18
C ASP B 329 14.35 -6.86 10.19
N HIS B 330 13.69 -7.97 10.52
CA HIS B 330 14.42 -9.21 10.76
C HIS B 330 14.22 -10.28 9.72
N VAL B 331 13.28 -10.06 8.81
CA VAL B 331 13.03 -11.04 7.78
C VAL B 331 13.45 -10.48 6.42
N LYS B 332 14.13 -11.30 5.62
CA LYS B 332 14.71 -10.88 4.32
C LYS B 332 14.08 -11.65 3.20
N ARG B 333 14.35 -11.17 1.98
CA ARG B 333 13.89 -11.77 0.74
C ARG B 333 14.29 -13.24 0.73
N GLY B 334 13.35 -14.12 0.42
CA GLY B 334 13.68 -15.56 0.35
C GLY B 334 13.51 -16.37 1.62
N ASP B 335 13.30 -15.69 2.76
CA ASP B 335 12.84 -16.34 3.98
C ASP B 335 11.46 -16.94 3.73
N ILE B 336 10.98 -17.77 4.66
CA ILE B 336 9.81 -18.59 4.42
C ILE B 336 8.73 -18.27 5.38
N VAL B 337 7.49 -18.09 4.88
CA VAL B 337 6.32 -18.15 5.75
C VAL B 337 5.52 -19.40 5.41
N GLU B 338 5.20 -20.18 6.42
CA GLU B 338 4.32 -21.35 6.25
C GLU B 338 3.01 -21.18 6.99
N VAL B 339 1.92 -21.35 6.27
CA VAL B 339 0.61 -21.22 6.84
C VAL B 339 0.01 -22.67 6.91
N VAL B 340 -0.62 -23.00 8.05
CA VAL B 340 -1.22 -24.33 8.25
C VAL B 340 -2.55 -24.21 8.98
N ASN B 341 -3.42 -25.20 8.73
CA ASN B 341 -4.73 -25.36 9.36
C ASN B 341 -5.81 -24.32 9.07
N THR B 342 -5.65 -23.48 8.07
CA THR B 342 -6.71 -22.50 7.76
C THR B 342 -7.82 -23.22 7.04
N VAL B 343 -8.95 -22.54 6.88
CA VAL B 343 -10.01 -23.12 6.04
C VAL B 343 -9.79 -22.99 4.54
N GLY B 344 -8.72 -22.32 4.08
CA GLY B 344 -8.53 -22.18 2.62
C GLY B 344 -8.00 -23.43 1.96
N GLY B 345 -7.65 -23.33 0.69
CA GLY B 345 -6.95 -24.40 0.00
C GLY B 345 -5.46 -24.21 0.16
N THR B 346 -4.72 -24.52 -0.90
CA THR B 346 -3.27 -24.45 -0.89
C THR B 346 -2.87 -23.37 -1.87
N LEU B 347 -1.86 -22.58 -1.50
CA LEU B 347 -1.30 -21.53 -2.35
C LEU B 347 -0.78 -22.12 -3.67
N PRO B 348 -1.22 -21.56 -4.81
CA PRO B 348 -0.80 -22.12 -6.10
C PRO B 348 0.72 -22.14 -6.30
N GLY B 349 1.21 -23.28 -6.79
CA GLY B 349 2.64 -23.46 -7.08
C GLY B 349 3.28 -22.43 -8.01
N ILE B 350 2.44 -21.89 -8.88
CA ILE B 350 2.88 -20.91 -9.88
C ILE B 350 2.47 -19.48 -9.51
N ASP B 351 2.21 -19.24 -8.22
CA ASP B 351 1.83 -17.92 -7.73
C ASP B 351 2.86 -16.88 -8.17
N GLY B 352 4.12 -17.21 -8.02
CA GLY B 352 5.25 -16.28 -8.14
C GLY B 352 6.10 -16.40 -6.89
N LEU B 353 5.44 -16.66 -5.76
CA LEU B 353 6.17 -16.94 -4.50
C LEU B 353 5.78 -18.27 -3.87
N GLY B 354 5.17 -19.16 -4.66
CA GLY B 354 4.62 -20.39 -4.08
C GLY B 354 5.33 -21.63 -4.58
N ASP B 355 6.52 -21.44 -5.16
CA ASP B 355 7.31 -22.49 -5.82
C ASP B 355 7.41 -23.80 -4.99
N TRP B 356 7.53 -23.63 -3.67
CA TRP B 356 7.75 -24.78 -2.81
C TRP B 356 6.49 -25.63 -2.61
N ASN B 357 5.33 -25.17 -3.06
CA ASN B 357 4.14 -26.00 -3.00
C ASN B 357 3.98 -27.03 -4.17
N ILE B 358 4.85 -27.00 -5.15
CA ILE B 358 4.88 -28.02 -6.20
C ILE B 358 5.77 -29.16 -5.70
N PRO B 359 5.26 -30.41 -5.65
CA PRO B 359 6.11 -31.52 -5.13
C PRO B 359 7.33 -31.70 -6.01
N TRP B 360 8.43 -32.13 -5.42
CA TRP B 360 9.72 -32.20 -6.10
C TRP B 360 9.65 -33.00 -7.39
N ASP B 361 9.00 -34.17 -7.39
CA ASP B 361 8.88 -34.95 -8.64
C ASP B 361 8.26 -34.15 -9.79
N GLN B 362 7.22 -33.36 -9.51
CA GLN B 362 6.60 -32.56 -10.53
C GLN B 362 7.57 -31.40 -10.98
N TRP B 363 8.24 -30.79 -10.01
CA TRP B 363 9.25 -29.77 -10.26
C TRP B 363 10.42 -30.27 -11.08
N ARG B 364 11.07 -31.31 -10.59
CA ARG B 364 12.21 -31.97 -11.29
C ARG B 364 11.86 -32.42 -12.70
N ALA B 365 10.69 -33.04 -12.83
CA ALA B 365 10.18 -33.44 -14.15
C ALA B 365 10.14 -32.21 -15.06
N GLY B 366 9.71 -31.06 -14.51
CA GLY B 366 9.71 -29.82 -15.27
C GLY B 366 8.59 -29.76 -16.28
N ASN B 367 8.66 -28.73 -17.12
CA ASN B 367 7.67 -28.47 -18.12
C ASN B 367 8.27 -27.76 -19.32
N ALA B 368 9.48 -28.17 -19.67
CA ALA B 368 10.16 -27.69 -20.85
C ALA B 368 9.47 -27.98 -22.17
N LYS B 369 8.77 -29.11 -22.30
CA LYS B 369 8.27 -29.54 -23.64
C LYS B 369 6.87 -29.03 -23.91
S SO4 C . -23.85 8.94 22.58
O1 SO4 C . -24.87 8.20 21.82
O2 SO4 C . -24.27 8.90 24.02
O3 SO4 C . -23.74 10.32 22.10
O4 SO4 C . -22.49 8.42 22.44
C1 BME D . -12.24 10.39 40.06
C2 BME D . -11.43 10.94 41.23
O1 BME D . -11.44 10.41 38.85
S2 BME D . -12.47 11.59 42.57
CBA DGF E . -10.28 13.42 36.76
CAW DGF E . -9.83 14.66 35.84
CAC DGF E . -9.99 15.98 36.52
OAH DGF E . -8.44 14.76 35.38
CAT DGF E . -11.69 13.32 37.50
OAF DGF E . -11.63 13.21 38.77
C1 BME F . -5.72 -5.80 5.40
C2 BME F . -6.89 -6.72 5.18
O1 BME F . -4.90 -6.00 4.24
S2 BME F . -8.18 -6.43 6.43
CBA DGF G . -5.31 -9.42 1.29
CAW DGF G . -4.82 -10.40 0.16
CAC DGF G . -4.19 -11.62 0.76
OAH DGF G . -5.78 -11.01 -0.74
CAT DGF G . -4.37 -8.69 2.30
OAF DGF G . -5.11 -8.06 3.07
#